data_3BUZ
#
_entry.id   3BUZ
#
_cell.length_a   57.014
_cell.length_b   126.344
_cell.length_c   147.127
_cell.angle_alpha   90.00
_cell.angle_beta   90.00
_cell.angle_gamma   90.00
#
_symmetry.space_group_name_H-M   'P 21 21 21'
#
loop_
_entity.id
_entity.type
_entity.pdbx_description
1 polymer 'Iota toxin component Ia'
2 polymer 'Actin, alpha skeletal muscle'
3 non-polymer 'BETA-METHYLENE-THIAZOLE-4-CARBOXYAMIDE-ADENINE DINUCLEOTIDE'
4 non-polymer 'CALCIUM ION'
5 non-polymer "ADENOSINE-5'-TRIPHOSPHATE"
6 non-polymer 'LATRUNCULIN A'
7 water water
#
loop_
_entity_poly.entity_id
_entity_poly.type
_entity_poly.pdbx_seq_one_letter_code
_entity_poly.pdbx_strand_id
1 'polypeptide(L)'
;AFIERPEDFLKDKENAIQWEKKEAERVEKNLDTLEKEALELYKKDSEQISNYSQTRQYFYDYQIESNPREKEYKNLRNAI
SKNKIDKPINVYYFESPEKFAFNKEIRTENQNEISLEKFNELKETIQDKLFKQDGFKDVSLYEPGNGDEKPTPLLIHLKL
PKNTGMLPYINSNDVKTLIEQDYSIKIDKIVRIVIEGKQYIKAEASIVNSLDFKDDVSKGDLWGKENYSDWSNKLTPNEL
ADVNDYMRGGYTAINNYLISNGPLNNPNPELDSKVNNIENALKLTPIPSNLIVYRRSGPQEFGLTLTSPEYDFNKIENID
AFKEKWEGKVITYPNFISTSIGSVNMSAFAKRKIILRINIPKDSPGAYLSAIPGYAGEYEVLLNHGSKFKINKVDSYKDG
TVTKLILDATLIN
;
A
2 'polypeptide(L)'
;DEDETTALVCDNGSGLVKAGFAGDDAPRAVFPSIVGRPRHQGVMVGMGQKDSYVGDEAQSKRGILTLKYPIEHGIITNWD
DMEKIWHHTFYNELRVAPEEHPTLLTEAPLNPKANREKMTQIMFETFNVPAMYVAIQAVLSLYASGRTTGIVLDSGDGVT
HNVPIYEGYALPHAIMRLDLAGRDLTDYLMKILTERGYSFVTTAEREIVRDIKEKLCYVALDFENEMATAASSSSLEKSY
ELPDGQVITIGNERFRCPETLFQPSFIGMESAGIHETTYNSIMKCDIDIRKDLYANNVMSGGTTMYPGIADRMQKEITAL
APSTMKIKIIAPPERKYSVWIGGSILASLSTFQQMWITKQEYDEAGPSIVHRKCF
;
B
#
loop_
_chem_comp.id
_chem_comp.type
_chem_comp.name
_chem_comp.formula
ATP non-polymer ADENOSINE-5'-TRIPHOSPHATE 'C10 H16 N5 O13 P3'
CA non-polymer 'CALCIUM ION' 'Ca 2'
LAR non-polymer 'LATRUNCULIN A' 'C22 H31 N O5 S'
TAD non-polymer 'BETA-METHYLENE-THIAZOLE-4-CARBOXYAMIDE-ADENINE DINUCLEOTIDE' 'C20 H27 N7 O13 P2 S'
#
# COMPACT_ATOMS: atom_id res chain seq x y z
N ALA A 1 -50.77 14.43 -6.15
CA ALA A 1 -51.97 14.98 -5.42
C ALA A 1 -51.83 14.96 -3.90
N PHE A 2 -51.06 14.01 -3.36
CA PHE A 2 -50.62 14.20 -1.99
C PHE A 2 -49.91 15.53 -1.97
N ILE A 3 -49.95 16.22 -0.83
CA ILE A 3 -49.24 17.51 -0.72
C ILE A 3 -47.83 17.22 -0.31
N GLU A 4 -47.67 16.15 0.46
CA GLU A 4 -46.41 15.61 0.90
C GLU A 4 -46.54 14.09 0.76
N ARG A 5 -45.65 13.46 0.02
CA ARG A 5 -45.83 12.01 -0.16
C ARG A 5 -45.72 11.30 1.23
N PRO A 6 -46.28 10.08 1.35
CA PRO A 6 -46.14 9.22 2.55
C PRO A 6 -44.75 8.69 2.58
N GLU A 7 -44.34 8.00 3.61
CA GLU A 7 -43.06 7.38 3.57
C GLU A 7 -42.93 6.09 2.75
N ASP A 8 -44.06 5.50 2.37
CA ASP A 8 -44.08 4.26 1.61
C ASP A 8 -45.37 4.33 0.81
N PHE A 9 -45.32 4.23 -0.43
CA PHE A 9 -46.47 4.21 -1.33
C PHE A 9 -47.11 2.84 -1.40
N LEU A 10 -46.42 1.84 -0.84
CA LEU A 10 -46.87 0.43 -0.86
C LEU A 10 -47.33 -0.02 -2.26
N LYS A 11 -48.57 -0.49 -2.37
CA LYS A 11 -49.07 -1.01 -3.66
C LYS A 11 -49.70 0.09 -4.53
N ASP A 12 -49.62 1.26 -4.18
CA ASP A 12 -50.42 2.34 -4.80
C ASP A 12 -49.64 3.04 -5.90
N LYS A 13 -49.47 2.32 -7.01
CA LYS A 13 -48.81 2.83 -8.19
C LYS A 13 -49.34 4.24 -8.62
N GLU A 14 -50.63 4.35 -8.78
CA GLU A 14 -51.21 5.57 -9.30
C GLU A 14 -50.82 6.81 -8.50
N ASN A 15 -50.92 6.81 -7.18
CA ASN A 15 -50.44 8.01 -6.52
C ASN A 15 -48.94 8.27 -6.61
N ALA A 16 -48.16 7.21 -6.51
CA ALA A 16 -46.71 7.30 -6.54
C ALA A 16 -46.31 7.94 -7.87
N ILE A 17 -46.93 7.47 -8.95
CA ILE A 17 -46.63 8.02 -10.26
C ILE A 17 -47.11 9.48 -10.32
N GLN A 18 -48.15 9.80 -9.61
CA GLN A 18 -48.73 11.07 -9.82
C GLN A 18 -47.89 12.06 -9.10
N TRP A 19 -47.25 11.59 -8.02
CA TRP A 19 -46.42 12.46 -7.21
C TRP A 19 -45.02 12.53 -7.80
N GLU A 20 -44.56 11.46 -8.38
CA GLU A 20 -43.20 11.49 -8.85
C GLU A 20 -43.09 12.28 -10.14
N LYS A 21 -44.09 12.25 -10.99
CA LYS A 21 -44.01 13.10 -12.16
C LYS A 21 -43.89 14.56 -11.67
N LYS A 22 -44.84 15.03 -10.86
CA LYS A 22 -44.73 16.38 -10.32
C LYS A 22 -43.31 16.59 -9.78
N GLU A 23 -42.74 15.59 -9.13
CA GLU A 23 -41.49 15.81 -8.54
C GLU A 23 -40.38 15.80 -9.62
N ALA A 24 -40.48 14.87 -10.57
CA ALA A 24 -39.53 14.80 -11.67
C ALA A 24 -39.49 16.09 -12.44
N GLU A 25 -40.61 16.81 -12.54
CA GLU A 25 -40.64 18.02 -13.31
C GLU A 25 -39.85 19.14 -12.60
N ARG A 26 -40.13 19.28 -11.31
CA ARG A 26 -39.43 20.17 -10.46
C ARG A 26 -37.95 19.89 -10.62
N VAL A 27 -37.54 18.77 -10.04
CA VAL A 27 -36.16 18.49 -9.88
C VAL A 27 -35.39 18.70 -11.17
N GLU A 28 -35.90 18.23 -12.32
CA GLU A 28 -35.14 18.41 -13.58
C GLU A 28 -34.80 19.88 -13.88
N LYS A 29 -35.65 20.76 -13.35
CA LYS A 29 -35.48 22.17 -13.58
C LYS A 29 -34.33 22.66 -12.79
N ASN A 30 -33.85 21.88 -11.83
CA ASN A 30 -32.70 22.31 -11.05
C ASN A 30 -31.37 21.74 -11.53
N LEU A 31 -31.40 20.84 -12.48
CA LEU A 31 -30.13 20.34 -12.99
C LEU A 31 -29.42 21.44 -13.76
N ASP A 32 -28.09 21.49 -13.75
CA ASP A 32 -27.43 22.34 -14.71
C ASP A 32 -27.12 21.60 -16.03
N THR A 33 -26.23 22.17 -16.83
CA THR A 33 -26.01 21.67 -18.18
C THR A 33 -25.40 20.30 -18.10
N LEU A 34 -24.45 20.16 -17.18
CA LEU A 34 -23.57 19.00 -17.18
C LEU A 34 -24.35 17.83 -16.62
N GLU A 35 -25.05 18.13 -15.53
CA GLU A 35 -26.06 17.27 -14.94
C GLU A 35 -27.06 16.74 -15.95
N LYS A 36 -27.77 17.61 -16.70
CA LYS A 36 -28.79 17.07 -17.67
C LYS A 36 -28.10 16.16 -18.65
N GLU A 37 -26.90 16.58 -19.06
CA GLU A 37 -26.23 15.91 -20.14
C GLU A 37 -25.91 14.53 -19.61
N ALA A 38 -25.50 14.51 -18.34
CA ALA A 38 -25.19 13.28 -17.64
C ALA A 38 -26.38 12.34 -17.69
N LEU A 39 -27.54 12.85 -17.26
CA LEU A 39 -28.78 12.11 -17.30
C LEU A 39 -29.05 11.62 -18.69
N GLU A 40 -28.83 12.48 -19.69
CA GLU A 40 -29.17 12.13 -21.03
C GLU A 40 -28.25 10.98 -21.48
N LEU A 41 -27.03 10.91 -20.94
CA LEU A 41 -26.17 9.77 -21.23
C LEU A 41 -26.51 8.51 -20.43
N TYR A 42 -27.01 8.65 -19.21
CA TYR A 42 -27.44 7.45 -18.49
C TYR A 42 -28.52 6.67 -19.23
N LYS A 43 -29.53 7.35 -19.75
CA LYS A 43 -30.66 6.69 -20.35
C LYS A 43 -30.12 5.93 -21.49
N LYS A 44 -29.41 6.61 -22.37
CA LYS A 44 -28.90 5.93 -23.56
C LYS A 44 -27.95 4.73 -23.21
N ASP A 45 -27.36 4.67 -21.99
CA ASP A 45 -26.28 3.71 -21.71
C ASP A 45 -26.04 3.37 -20.25
N SER A 46 -27.08 2.95 -19.56
CA SER A 46 -27.04 2.80 -18.10
C SER A 46 -26.30 1.60 -17.57
N GLU A 47 -26.38 0.45 -18.24
CA GLU A 47 -25.61 -0.71 -17.77
C GLU A 47 -24.12 -0.44 -17.68
N GLN A 48 -23.54 0.00 -18.80
CA GLN A 48 -22.09 0.20 -18.76
C GLN A 48 -21.82 1.27 -17.74
N ILE A 49 -22.70 2.28 -17.64
CA ILE A 49 -22.47 3.37 -16.67
C ILE A 49 -22.52 2.96 -15.19
N SER A 50 -23.43 2.06 -14.87
CA SER A 50 -23.57 1.57 -13.53
C SER A 50 -22.40 0.72 -13.15
N ASN A 51 -22.05 -0.18 -14.06
CA ASN A 51 -20.84 -1.00 -13.90
C ASN A 51 -19.66 -0.14 -13.53
N TYR A 52 -19.38 0.89 -14.33
CA TYR A 52 -18.28 1.76 -13.96
C TYR A 52 -18.34 2.25 -12.50
N SER A 53 -19.49 2.72 -12.05
CA SER A 53 -19.69 3.28 -10.70
C SER A 53 -19.63 2.26 -9.56
N GLN A 54 -19.77 0.98 -9.91
CA GLN A 54 -19.57 -0.09 -8.91
C GLN A 54 -18.10 -0.23 -8.45
N THR A 55 -17.17 -0.22 -9.41
CA THR A 55 -15.82 -0.70 -9.13
C THR A 55 -14.84 0.35 -9.55
N ARG A 56 -15.21 1.58 -9.27
CA ARG A 56 -14.53 2.72 -9.87
C ARG A 56 -13.23 3.06 -9.15
N GLN A 57 -13.13 2.65 -7.88
CA GLN A 57 -12.22 3.30 -6.92
C GLN A 57 -11.07 2.45 -6.61
N TYR A 58 -10.90 1.41 -7.37
CA TYR A 58 -9.86 0.48 -7.01
C TYR A 58 -8.55 0.70 -7.78
N PHE A 59 -8.59 1.58 -8.82
CA PHE A 59 -7.45 1.83 -9.67
C PHE A 59 -6.51 2.80 -9.01
N TYR A 60 -5.47 3.21 -9.70
CA TYR A 60 -4.56 4.21 -9.15
C TYR A 60 -5.30 5.57 -9.27
N ASP A 61 -4.97 6.57 -8.43
CA ASP A 61 -5.69 7.86 -8.60
C ASP A 61 -5.63 8.37 -10.06
N TYR A 62 -4.44 8.27 -10.67
CA TYR A 62 -4.23 8.74 -12.01
C TYR A 62 -4.93 7.85 -12.99
N GLN A 63 -5.18 6.58 -12.65
CA GLN A 63 -5.97 5.85 -13.62
C GLN A 63 -7.42 6.25 -13.46
N ILE A 64 -7.77 6.74 -12.27
CA ILE A 64 -9.15 7.11 -12.06
C ILE A 64 -9.41 8.37 -12.86
N GLU A 65 -8.69 9.48 -12.60
CA GLU A 65 -8.87 10.71 -13.46
C GLU A 65 -8.77 10.51 -14.97
N SER A 66 -7.82 9.71 -15.41
CA SER A 66 -7.60 9.62 -16.81
C SER A 66 -8.63 8.72 -17.48
N ASN A 67 -9.70 8.37 -16.79
CA ASN A 67 -10.75 7.51 -17.38
C ASN A 67 -11.77 8.29 -18.25
N PRO A 68 -11.92 7.91 -19.51
CA PRO A 68 -12.99 8.62 -20.26
C PRO A 68 -14.38 8.51 -19.57
N ARG A 69 -14.56 7.49 -18.71
CA ARG A 69 -15.87 7.22 -18.11
C ARG A 69 -16.15 7.97 -16.82
N GLU A 70 -15.07 8.50 -16.20
CA GLU A 70 -15.14 9.18 -14.92
C GLU A 70 -15.79 10.57 -14.98
N LYS A 71 -15.68 11.20 -16.13
CA LYS A 71 -16.32 12.49 -16.34
C LYS A 71 -17.81 12.27 -16.01
N GLU A 72 -18.41 11.36 -16.80
CA GLU A 72 -19.80 11.02 -16.61
C GLU A 72 -20.08 10.56 -15.18
N TYR A 73 -19.20 9.80 -14.57
CA TYR A 73 -19.56 9.32 -13.25
C TYR A 73 -19.85 10.56 -12.33
N LYS A 74 -18.82 11.37 -12.14
CA LYS A 74 -18.85 12.61 -11.35
C LYS A 74 -20.06 13.52 -11.66
N ASN A 75 -20.39 13.64 -12.94
CA ASN A 75 -21.57 14.41 -13.26
C ASN A 75 -22.89 13.77 -12.81
N LEU A 76 -23.01 12.47 -13.03
CA LEU A 76 -24.17 11.79 -12.54
C LEU A 76 -24.20 11.72 -10.99
N ARG A 77 -23.04 11.55 -10.38
CA ARG A 77 -23.01 11.63 -8.95
C ARG A 77 -23.66 12.95 -8.56
N ASN A 78 -23.20 14.06 -9.12
CA ASN A 78 -23.63 15.40 -8.64
C ASN A 78 -25.11 15.62 -8.74
N ALA A 79 -25.59 15.39 -9.93
CA ALA A 79 -26.99 15.30 -10.21
C ALA A 79 -27.77 14.54 -9.13
N ILE A 80 -27.31 13.37 -8.71
CA ILE A 80 -28.11 12.56 -7.78
C ILE A 80 -28.28 13.29 -6.43
N SER A 81 -27.25 13.94 -5.95
CA SER A 81 -27.28 14.52 -4.58
C SER A 81 -27.84 15.93 -4.56
N LYS A 82 -27.85 16.56 -5.74
CA LYS A 82 -28.49 17.86 -5.90
C LYS A 82 -29.78 17.87 -5.07
N ASN A 83 -30.54 16.78 -5.14
CA ASN A 83 -31.80 16.76 -4.46
C ASN A 83 -31.90 15.72 -3.37
N LYS A 84 -31.54 16.08 -2.14
CA LYS A 84 -31.59 15.16 -1.01
C LYS A 84 -33.01 15.13 -0.43
N ILE A 85 -33.50 13.92 -0.09
CA ILE A 85 -34.87 13.74 0.38
C ILE A 85 -35.29 14.41 1.67
N ASP A 86 -36.33 15.24 1.47
CA ASP A 86 -37.46 15.45 2.35
C ASP A 86 -37.20 14.88 3.79
N LYS A 87 -37.22 13.54 3.89
CA LYS A 87 -37.60 12.65 5.00
C LYS A 87 -37.44 11.21 4.37
N PRO A 88 -37.42 10.10 5.18
CA PRO A 88 -37.07 8.80 4.61
C PRO A 88 -38.02 8.41 3.52
N ILE A 89 -37.66 7.42 2.70
CA ILE A 89 -38.57 6.84 1.73
C ILE A 89 -38.34 5.35 1.52
N ASN A 90 -39.33 4.60 1.04
CA ASN A 90 -39.17 3.18 0.82
C ASN A 90 -39.19 2.95 -0.65
N VAL A 91 -38.21 2.21 -1.16
CA VAL A 91 -38.12 1.90 -2.59
C VAL A 91 -38.21 0.39 -2.90
N TYR A 92 -38.48 0.01 -4.15
CA TYR A 92 -38.63 -1.39 -4.49
C TYR A 92 -37.80 -1.71 -5.69
N TYR A 93 -36.91 -2.68 -5.63
CA TYR A 93 -36.29 -3.09 -6.91
C TYR A 93 -36.10 -4.58 -6.90
N PHE A 94 -35.87 -5.17 -8.06
CA PHE A 94 -35.49 -6.60 -8.02
C PHE A 94 -34.01 -6.79 -7.96
N GLU A 95 -33.62 -7.76 -7.15
CA GLU A 95 -32.29 -8.37 -7.27
C GLU A 95 -32.25 -9.79 -7.82
N SER A 96 -31.06 -10.10 -8.28
CA SER A 96 -30.62 -11.45 -8.43
C SER A 96 -30.10 -11.91 -7.09
N PRO A 97 -30.37 -13.16 -6.73
CA PRO A 97 -29.97 -13.67 -5.41
C PRO A 97 -28.49 -13.96 -5.39
N GLU A 98 -27.89 -14.16 -6.57
CA GLU A 98 -26.44 -14.13 -6.77
C GLU A 98 -25.89 -12.97 -5.91
N LYS A 99 -26.47 -11.79 -6.09
CA LYS A 99 -26.00 -10.59 -5.38
C LYS A 99 -25.85 -10.82 -3.91
N PHE A 100 -26.66 -11.69 -3.34
CA PHE A 100 -26.57 -11.90 -1.92
C PHE A 100 -25.74 -13.08 -1.52
N ALA A 101 -24.96 -13.54 -2.47
CA ALA A 101 -24.08 -14.61 -2.17
C ALA A 101 -24.87 -15.91 -2.07
N PHE A 102 -25.89 -16.07 -2.92
CA PHE A 102 -26.68 -17.30 -3.01
C PHE A 102 -26.61 -17.73 -4.43
N ASN A 103 -25.62 -18.57 -4.68
CA ASN A 103 -25.14 -18.84 -6.01
C ASN A 103 -26.01 -19.88 -6.77
N LYS A 104 -26.79 -20.62 -6.00
CA LYS A 104 -27.82 -21.55 -6.47
C LYS A 104 -28.90 -20.78 -7.24
N GLU A 105 -30.17 -21.20 -7.08
CA GLU A 105 -31.27 -20.77 -7.99
C GLU A 105 -32.68 -20.98 -7.45
N ILE A 106 -33.23 -19.95 -6.85
CA ILE A 106 -34.57 -19.96 -6.27
C ILE A 106 -35.55 -20.92 -6.88
N ARG A 107 -35.82 -20.72 -8.16
CA ARG A 107 -36.77 -21.52 -8.91
C ARG A 107 -36.82 -20.92 -10.31
N THR A 108 -36.67 -21.78 -11.34
CA THR A 108 -36.37 -21.34 -12.73
C THR A 108 -37.55 -20.75 -13.54
N GLU A 109 -37.30 -19.56 -14.13
CA GLU A 109 -38.10 -18.93 -15.22
C GLU A 109 -39.61 -19.35 -15.41
N ASN A 110 -39.83 -20.65 -15.70
CA ASN A 110 -41.17 -21.22 -15.96
C ASN A 110 -41.97 -21.71 -14.74
N GLN A 111 -41.28 -22.22 -13.71
CA GLN A 111 -41.92 -22.44 -12.44
C GLN A 111 -42.50 -21.07 -12.03
N ASN A 112 -43.65 -21.11 -11.37
CA ASN A 112 -44.30 -19.92 -10.90
C ASN A 112 -44.38 -20.18 -9.41
N GLU A 113 -43.49 -21.05 -9.01
CA GLU A 113 -43.64 -21.81 -7.82
C GLU A 113 -42.25 -21.88 -7.18
N ILE A 114 -42.16 -21.61 -5.86
CA ILE A 114 -40.88 -21.57 -5.10
C ILE A 114 -40.74 -22.61 -3.99
N SER A 115 -39.72 -23.45 -4.08
CA SER A 115 -39.53 -24.51 -3.08
C SER A 115 -39.43 -23.98 -1.66
N LEU A 116 -40.23 -24.51 -0.74
CA LEU A 116 -40.00 -24.26 0.70
C LEU A 116 -38.52 -24.51 0.98
N GLU A 117 -37.95 -25.48 0.27
CA GLU A 117 -36.57 -25.88 0.49
C GLU A 117 -35.65 -24.76 0.14
N LYS A 118 -35.67 -24.34 -1.12
CA LYS A 118 -34.83 -23.24 -1.52
C LYS A 118 -35.13 -22.02 -0.63
N PHE A 119 -36.38 -21.78 -0.30
CA PHE A 119 -36.66 -20.61 0.49
C PHE A 119 -35.92 -20.62 1.80
N ASN A 120 -35.86 -21.75 2.47
CA ASN A 120 -35.23 -21.72 3.74
C ASN A 120 -33.73 -21.51 3.63
N GLU A 121 -33.14 -22.05 2.57
CA GLU A 121 -31.74 -21.88 2.28
C GLU A 121 -31.34 -20.36 2.25
N LEU A 122 -32.08 -19.62 1.44
CA LEU A 122 -31.96 -18.20 1.27
C LEU A 122 -32.02 -17.48 2.59
N LYS A 123 -33.15 -17.53 3.30
CA LYS A 123 -33.25 -17.04 4.69
C LYS A 123 -31.94 -17.26 5.48
N GLU A 124 -31.40 -18.46 5.36
CA GLU A 124 -30.15 -18.82 6.01
C GLU A 124 -28.91 -18.13 5.41
N THR A 125 -28.78 -18.11 4.09
CA THR A 125 -27.67 -17.37 3.54
C THR A 125 -27.67 -15.86 3.77
N ILE A 126 -28.82 -15.25 4.11
CA ILE A 126 -28.86 -13.80 4.40
C ILE A 126 -29.63 -13.46 5.64
N GLN A 127 -29.01 -13.49 6.78
CA GLN A 127 -29.83 -13.20 7.94
C GLN A 127 -29.16 -12.06 8.64
N ASP A 128 -27.93 -12.35 9.06
CA ASP A 128 -27.23 -11.47 9.98
C ASP A 128 -26.01 -10.94 9.25
N LYS A 129 -26.18 -10.78 7.95
CA LYS A 129 -25.14 -10.28 7.13
C LYS A 129 -25.45 -8.86 6.71
N LEU A 130 -24.43 -8.01 6.75
CA LEU A 130 -24.46 -6.75 6.05
C LEU A 130 -23.97 -6.97 4.64
N PHE A 131 -24.52 -6.30 3.64
CA PHE A 131 -23.98 -6.53 2.33
C PHE A 131 -23.78 -5.20 1.74
N LYS A 132 -22.52 -4.85 1.42
CA LYS A 132 -22.18 -3.51 0.94
C LYS A 132 -22.74 -3.20 -0.45
N GLN A 133 -23.25 -2.00 -0.66
CA GLN A 133 -23.99 -1.72 -1.89
C GLN A 133 -23.48 -0.45 -2.49
N ASP A 134 -23.15 -0.55 -3.78
CA ASP A 134 -22.36 0.47 -4.46
C ASP A 134 -22.82 0.67 -5.94
N GLY A 135 -22.73 1.89 -6.49
CA GLY A 135 -23.09 2.06 -7.90
C GLY A 135 -24.50 2.58 -8.13
N PHE A 136 -24.77 3.11 -9.29
CA PHE A 136 -26.07 3.69 -9.54
C PHE A 136 -27.09 2.59 -9.70
N LYS A 137 -28.34 2.87 -9.38
CA LYS A 137 -29.38 1.96 -9.82
C LYS A 137 -30.76 2.56 -9.90
N ASP A 138 -31.59 2.00 -10.80
CA ASP A 138 -32.98 2.37 -10.88
C ASP A 138 -33.86 1.59 -9.86
N VAL A 139 -34.76 2.32 -9.23
CA VAL A 139 -35.58 1.75 -8.21
C VAL A 139 -36.97 2.27 -8.49
N SER A 140 -37.96 1.70 -7.84
CA SER A 140 -39.28 2.06 -8.17
C SER A 140 -39.87 2.51 -6.87
N LEU A 141 -41.04 3.12 -6.89
CA LEU A 141 -41.50 3.83 -5.68
C LEU A 141 -42.68 3.17 -4.99
N TYR A 142 -43.20 2.14 -5.66
CA TYR A 142 -44.28 1.31 -5.22
C TYR A 142 -43.96 -0.12 -5.56
N GLU A 143 -44.59 -1.04 -4.85
CA GLU A 143 -44.50 -2.47 -5.13
C GLU A 143 -45.10 -2.87 -6.47
N PRO A 144 -44.41 -3.71 -7.24
CA PRO A 144 -44.94 -4.13 -8.51
C PRO A 144 -46.20 -4.96 -8.41
N GLY A 145 -47.04 -4.87 -9.42
CA GLY A 145 -48.17 -5.75 -9.55
C GLY A 145 -48.37 -6.09 -11.01
N ASN A 146 -49.56 -6.57 -11.31
CA ASN A 146 -50.04 -6.77 -12.68
C ASN A 146 -49.60 -5.58 -13.54
N GLY A 147 -48.85 -5.86 -14.61
CA GLY A 147 -48.44 -4.79 -15.50
C GLY A 147 -46.96 -4.45 -15.41
N ASP A 148 -46.36 -4.50 -14.22
CA ASP A 148 -44.96 -4.12 -14.10
C ASP A 148 -44.10 -5.27 -14.47
N GLU A 149 -42.92 -4.94 -14.99
CA GLU A 149 -41.88 -5.89 -15.32
C GLU A 149 -41.56 -6.58 -14.00
N LYS A 150 -41.13 -7.85 -14.03
CA LYS A 150 -40.83 -8.62 -12.79
C LYS A 150 -39.71 -9.60 -13.03
N PRO A 151 -38.52 -9.10 -13.29
CA PRO A 151 -37.49 -9.91 -13.93
C PRO A 151 -36.83 -11.03 -13.07
N THR A 152 -36.89 -10.94 -11.74
CA THR A 152 -36.29 -11.95 -10.84
C THR A 152 -37.33 -12.42 -9.84
N PRO A 153 -37.09 -13.52 -9.12
CA PRO A 153 -38.02 -13.82 -8.05
C PRO A 153 -37.65 -13.13 -6.75
N LEU A 154 -36.72 -12.18 -6.82
CA LEU A 154 -36.28 -11.56 -5.58
C LEU A 154 -36.62 -10.09 -5.46
N LEU A 155 -37.49 -9.74 -4.54
CA LEU A 155 -37.92 -8.36 -4.44
C LEU A 155 -37.46 -7.67 -3.19
N ILE A 156 -36.67 -6.59 -3.34
CA ILE A 156 -36.07 -5.81 -2.19
C ILE A 156 -36.83 -4.54 -1.77
N HIS A 157 -37.26 -4.50 -0.50
CA HIS A 157 -38.03 -3.40 0.04
C HIS A 157 -37.09 -2.59 0.97
N LEU A 158 -36.57 -1.48 0.46
CA LEU A 158 -35.48 -0.81 1.15
C LEU A 158 -35.90 0.53 1.75
N LYS A 159 -35.56 0.75 3.01
CA LYS A 159 -35.84 2.05 3.65
C LYS A 159 -34.64 3.00 3.54
N LEU A 160 -34.72 3.95 2.59
CA LEU A 160 -33.69 4.97 2.46
C LEU A 160 -33.83 5.99 3.63
N PRO A 161 -32.71 6.41 4.23
CA PRO A 161 -32.63 7.43 5.28
C PRO A 161 -33.05 8.80 4.86
N LYS A 162 -33.47 9.56 5.87
CA LYS A 162 -33.79 10.95 5.72
C LYS A 162 -32.91 11.62 4.71
N ASN A 163 -31.61 11.40 4.67
CA ASN A 163 -30.99 12.39 3.78
C ASN A 163 -30.54 11.98 2.38
N THR A 164 -31.12 10.90 1.82
CA THR A 164 -30.53 10.24 0.65
C THR A 164 -30.70 11.11 -0.60
N GLY A 165 -29.74 11.07 -1.51
CA GLY A 165 -29.97 11.74 -2.81
C GLY A 165 -30.79 10.81 -3.71
N MET A 166 -31.69 11.36 -4.53
CA MET A 166 -32.68 10.59 -5.28
C MET A 166 -33.15 11.35 -6.48
N LEU A 167 -33.08 10.80 -7.69
CA LEU A 167 -33.39 11.57 -8.86
C LEU A 167 -34.56 10.99 -9.64
N PRO A 168 -35.73 11.63 -9.54
CA PRO A 168 -36.83 11.15 -10.37
C PRO A 168 -36.77 11.84 -11.70
N TYR A 169 -36.85 11.10 -12.79
CA TYR A 169 -36.66 11.70 -14.10
C TYR A 169 -37.63 11.08 -15.07
N ILE A 170 -38.16 11.88 -15.98
CA ILE A 170 -38.90 11.33 -17.11
C ILE A 170 -37.97 10.58 -18.05
N ASN A 171 -38.45 9.44 -18.54
CA ASN A 171 -37.91 8.76 -19.72
C ASN A 171 -39.10 8.37 -20.59
N SER A 172 -38.95 8.36 -21.92
CA SER A 172 -40.13 8.49 -22.79
C SER A 172 -41.40 8.74 -21.93
N ASN A 173 -42.13 7.66 -21.62
CA ASN A 173 -43.49 7.75 -21.02
C ASN A 173 -43.59 7.43 -19.50
N ASP A 174 -42.59 6.79 -18.90
CA ASP A 174 -42.73 6.58 -17.49
C ASP A 174 -41.76 7.39 -16.67
N VAL A 175 -41.94 7.36 -15.35
CA VAL A 175 -41.12 8.08 -14.40
C VAL A 175 -40.17 7.07 -13.80
N LYS A 176 -38.92 7.44 -13.69
CA LYS A 176 -37.92 6.56 -13.20
C LYS A 176 -37.20 7.26 -12.01
N THR A 177 -36.60 6.48 -11.10
CA THR A 177 -35.87 6.99 -9.95
C THR A 177 -34.39 6.56 -9.99
N LEU A 178 -33.46 7.49 -9.85
CA LEU A 178 -32.06 7.14 -9.90
C LEU A 178 -31.38 7.36 -8.54
N ILE A 179 -30.63 6.39 -8.05
CA ILE A 179 -29.96 6.62 -6.79
C ILE A 179 -28.50 6.18 -6.88
N GLU A 180 -27.68 6.63 -5.93
CA GLU A 180 -26.35 6.11 -5.88
C GLU A 180 -26.19 5.37 -4.61
N GLN A 181 -26.03 4.06 -4.72
CA GLN A 181 -25.87 3.22 -3.54
C GLN A 181 -24.51 3.47 -2.89
N ASP A 182 -24.48 3.48 -1.56
CA ASP A 182 -23.32 3.92 -0.85
C ASP A 182 -23.15 3.33 0.58
N TYR A 183 -23.94 2.32 0.94
CA TYR A 183 -24.17 1.90 2.32
C TYR A 183 -24.15 0.41 2.29
N SER A 184 -24.28 -0.21 3.45
CA SER A 184 -24.53 -1.63 3.47
C SER A 184 -25.94 -1.82 3.95
N ILE A 185 -26.42 -3.04 3.76
CA ILE A 185 -27.81 -3.40 3.74
C ILE A 185 -27.84 -4.59 4.62
N LYS A 186 -28.71 -4.57 5.60
CA LYS A 186 -29.06 -5.71 6.42
C LYS A 186 -30.41 -6.17 5.97
N ILE A 187 -30.57 -7.45 5.74
CA ILE A 187 -31.91 -8.01 5.57
C ILE A 187 -32.54 -8.49 6.89
N ASP A 188 -33.61 -7.80 7.27
CA ASP A 188 -34.29 -8.11 8.53
C ASP A 188 -35.23 -9.31 8.48
N LYS A 189 -35.81 -9.56 7.30
CA LYS A 189 -36.95 -10.44 7.18
C LYS A 189 -37.19 -10.62 5.72
N ILE A 190 -37.41 -11.88 5.32
CA ILE A 190 -37.75 -12.19 3.93
C ILE A 190 -39.02 -12.96 4.01
N VAL A 191 -39.97 -12.63 3.14
CA VAL A 191 -41.22 -13.39 3.12
C VAL A 191 -41.62 -13.73 1.72
N ARG A 192 -42.41 -14.80 1.59
CA ARG A 192 -43.02 -15.21 0.29
C ARG A 192 -44.31 -14.45 0.06
N ILE A 193 -44.49 -13.95 -1.16
CA ILE A 193 -45.67 -13.21 -1.52
C ILE A 193 -46.03 -13.70 -2.89
N VAL A 194 -47.21 -13.33 -3.35
CA VAL A 194 -47.66 -13.71 -4.65
C VAL A 194 -48.10 -12.46 -5.42
N ILE A 195 -47.90 -12.47 -6.73
CA ILE A 195 -48.22 -11.34 -7.58
C ILE A 195 -48.49 -11.87 -8.98
N GLU A 196 -49.68 -11.57 -9.53
CA GLU A 196 -50.15 -12.12 -10.82
C GLU A 196 -50.17 -13.62 -10.69
N GLY A 197 -50.72 -14.09 -9.58
CA GLY A 197 -50.75 -15.53 -9.31
C GLY A 197 -49.38 -16.17 -9.30
N LYS A 198 -48.31 -15.38 -9.31
CA LYS A 198 -46.94 -15.91 -9.24
C LYS A 198 -46.26 -15.71 -7.86
N GLN A 199 -45.26 -16.53 -7.55
CA GLN A 199 -44.61 -16.53 -6.22
C GLN A 199 -43.27 -15.81 -6.24
N TYR A 200 -43.00 -14.94 -5.28
CA TYR A 200 -41.78 -14.16 -5.35
C TYR A 200 -41.32 -14.00 -3.94
N ILE A 201 -40.00 -13.90 -3.74
CA ILE A 201 -39.48 -13.62 -2.39
C ILE A 201 -39.36 -12.12 -2.15
N LYS A 202 -39.73 -11.68 -0.95
CA LYS A 202 -39.69 -10.27 -0.62
C LYS A 202 -38.90 -10.04 0.64
N ALA A 203 -37.85 -9.23 0.46
CA ALA A 203 -36.82 -9.03 1.42
C ALA A 203 -36.98 -7.66 2.03
N GLU A 204 -36.96 -7.59 3.35
CA GLU A 204 -37.09 -6.31 3.99
C GLU A 204 -35.71 -5.82 4.39
N ALA A 205 -35.28 -4.70 3.84
CA ALA A 205 -33.91 -4.35 4.10
C ALA A 205 -33.72 -2.98 4.69
N SER A 206 -32.70 -2.86 5.54
CA SER A 206 -32.46 -1.56 6.05
C SER A 206 -30.98 -1.22 5.96
N ILE A 207 -30.72 0.08 5.95
CA ILE A 207 -29.41 0.60 5.74
C ILE A 207 -28.68 0.75 7.06
N VAL A 208 -27.49 0.16 7.18
CA VAL A 208 -26.68 0.40 8.35
C VAL A 208 -25.58 1.34 7.92
N ASN A 209 -25.59 2.54 8.47
CA ASN A 209 -24.63 3.45 7.94
C ASN A 209 -23.21 3.20 8.42
N SER A 210 -22.28 3.18 7.48
CA SER A 210 -20.84 3.25 7.80
C SER A 210 -20.14 4.31 6.92
N LEU A 211 -19.13 4.99 7.44
CA LEU A 211 -18.33 5.99 6.69
C LEU A 211 -17.38 5.31 5.69
N ASP A 212 -17.36 5.80 4.45
CA ASP A 212 -16.59 5.10 3.43
C ASP A 212 -16.03 6.13 2.52
N PHE A 213 -14.76 6.36 2.60
CA PHE A 213 -14.11 7.43 1.87
C PHE A 213 -13.69 7.02 0.46
N LYS A 214 -13.68 5.71 0.22
CA LYS A 214 -13.30 5.13 -1.07
C LYS A 214 -12.01 5.77 -1.59
N ASP A 215 -12.05 6.35 -2.79
CA ASP A 215 -10.85 6.91 -3.43
C ASP A 215 -10.43 8.26 -2.86
N ASP A 216 -11.35 8.97 -1.96
CA ASP A 216 -11.12 10.31 -1.51
C ASP A 216 -10.23 10.24 -0.31
N VAL A 217 -9.00 9.84 -0.56
CA VAL A 217 -8.08 9.57 0.53
C VAL A 217 -7.84 10.83 1.37
N SER A 218 -8.10 12.02 0.79
CA SER A 218 -7.99 13.32 1.50
C SER A 218 -9.09 13.49 2.55
N LYS A 219 -10.33 13.52 2.04
CA LYS A 219 -11.49 13.45 2.91
C LYS A 219 -11.12 12.49 4.05
N GLY A 220 -10.54 11.35 3.68
CA GLY A 220 -10.29 10.31 4.65
C GLY A 220 -9.29 10.70 5.70
N ASP A 221 -8.14 11.15 5.23
CA ASP A 221 -7.10 11.72 6.08
C ASP A 221 -7.63 12.76 7.09
N LEU A 222 -8.47 13.71 6.63
CA LEU A 222 -8.94 14.77 7.54
C LEU A 222 -9.61 14.01 8.67
N TRP A 223 -10.71 13.29 8.36
CA TRP A 223 -11.31 12.40 9.31
C TRP A 223 -10.27 11.78 10.21
N GLY A 224 -9.29 11.11 9.60
CA GLY A 224 -8.34 10.28 10.35
C GLY A 224 -7.64 11.12 11.37
N LYS A 225 -7.17 12.28 10.93
CA LYS A 225 -6.38 13.13 11.80
C LYS A 225 -7.33 13.61 12.87
N GLU A 226 -8.55 14.00 12.46
CA GLU A 226 -9.56 14.53 13.39
C GLU A 226 -9.83 13.61 14.59
N ASN A 227 -9.51 12.34 14.43
CA ASN A 227 -9.71 11.41 15.50
C ASN A 227 -8.42 10.99 16.08
N TYR A 228 -7.41 10.89 15.25
CA TYR A 228 -6.21 10.24 15.74
C TYR A 228 -5.01 11.13 16.04
N SER A 229 -5.23 12.42 15.98
CA SER A 229 -4.17 13.37 16.25
C SER A 229 -3.91 13.45 17.73
N ASP A 230 -4.95 13.58 18.55
CA ASP A 230 -4.69 13.66 19.98
C ASP A 230 -4.30 12.28 20.53
N TRP A 231 -4.30 11.28 19.65
CA TRP A 231 -3.95 9.93 20.03
C TRP A 231 -2.46 9.72 19.91
N SER A 232 -1.91 10.40 18.90
CA SER A 232 -0.47 10.37 18.60
C SER A 232 0.33 10.52 19.86
N ASN A 233 -0.25 11.23 20.83
CA ASN A 233 0.44 11.61 22.03
C ASN A 233 -0.06 10.83 23.21
N LYS A 234 -1.33 11.05 23.55
CA LYS A 234 -2.08 10.37 24.60
C LYS A 234 -1.56 8.96 24.93
N LEU A 235 -1.04 8.27 23.92
CA LEU A 235 -0.58 6.93 24.13
C LEU A 235 0.61 6.99 25.04
N THR A 236 0.49 6.25 26.14
CA THR A 236 1.26 6.42 27.37
C THR A 236 2.72 5.83 27.34
N PRO A 237 3.67 6.41 28.14
CA PRO A 237 5.14 6.12 28.26
C PRO A 237 5.75 4.70 27.96
N ASN A 238 4.95 3.63 27.93
CA ASN A 238 5.47 2.30 27.64
C ASN A 238 4.87 1.65 26.42
N GLU A 239 3.77 2.24 25.96
CA GLU A 239 3.06 1.81 24.75
C GLU A 239 3.63 2.67 23.62
N LEU A 240 4.11 3.85 24.00
CA LEU A 240 4.71 4.83 23.10
C LEU A 240 5.96 4.19 22.51
N ALA A 241 6.77 3.60 23.39
CA ALA A 241 7.98 2.90 23.04
C ALA A 241 7.72 1.64 22.22
N ASP A 242 6.60 0.99 22.52
CA ASP A 242 6.27 -0.30 21.92
C ASP A 242 5.67 -0.08 20.53
N VAL A 243 4.83 0.95 20.41
CA VAL A 243 4.11 1.30 19.17
C VAL A 243 5.06 1.39 18.00
N ASN A 244 6.15 2.10 18.26
CA ASN A 244 7.17 2.29 17.29
C ASN A 244 7.92 0.99 17.18
N ASP A 245 7.19 -0.07 16.84
CA ASP A 245 7.79 -1.38 16.52
C ASP A 245 7.33 -2.05 15.20
N TYR A 246 6.02 -2.15 14.99
CA TYR A 246 5.44 -2.55 13.65
C TYR A 246 5.70 -1.36 12.70
N MET A 247 5.61 -0.16 13.28
CA MET A 247 5.84 1.09 12.57
C MET A 247 7.30 1.47 12.62
N ARG A 248 8.11 0.43 12.75
CA ARG A 248 9.49 0.55 12.49
C ARG A 248 9.77 -0.26 11.22
N GLY A 249 9.56 0.37 10.04
CA GLY A 249 9.84 -0.13 8.66
C GLY A 249 9.64 -1.61 8.24
N GLY A 250 9.80 -2.54 9.20
CA GLY A 250 9.80 -4.00 8.98
C GLY A 250 8.78 -4.79 9.79
N TYR A 251 7.81 -5.33 9.08
CA TYR A 251 6.60 -5.95 9.60
C TYR A 251 6.64 -7.45 9.33
N THR A 252 7.47 -7.87 8.38
CA THR A 252 7.63 -9.30 8.06
C THR A 252 8.44 -10.05 9.13
N ALA A 253 8.67 -9.37 10.25
CA ALA A 253 9.12 -10.05 11.45
C ALA A 253 7.97 -10.11 12.43
N ILE A 254 7.27 -9.00 12.63
CA ILE A 254 6.24 -9.00 13.67
C ILE A 254 5.00 -9.84 13.27
N ASN A 255 4.61 -9.77 12.00
CA ASN A 255 3.58 -10.68 11.46
C ASN A 255 4.08 -12.11 11.42
N ASN A 256 5.21 -12.34 10.75
CA ASN A 256 5.72 -13.70 10.56
C ASN A 256 5.89 -14.47 11.88
N TYR A 257 5.99 -13.74 12.98
CA TYR A 257 6.03 -14.36 14.29
C TYR A 257 4.65 -14.80 14.77
N LEU A 258 3.62 -14.21 14.19
CA LEU A 258 2.29 -14.43 14.67
C LEU A 258 1.61 -15.49 13.80
N ILE A 259 1.91 -15.41 12.50
CA ILE A 259 1.45 -16.37 11.49
C ILE A 259 1.65 -17.82 11.96
N SER A 260 2.84 -18.36 11.69
CA SER A 260 3.34 -19.62 12.28
C SER A 260 3.52 -19.49 13.81
N ASN A 261 2.40 -19.31 14.48
CA ASN A 261 2.29 -19.30 15.93
C ASN A 261 3.57 -19.24 16.80
N GLY A 262 3.97 -18.04 17.20
CA GLY A 262 5.03 -17.82 18.21
C GLY A 262 4.63 -17.96 19.69
N PRO A 263 3.59 -17.23 20.15
CA PRO A 263 2.93 -17.27 21.47
C PRO A 263 3.04 -18.55 22.34
N LEU A 264 2.29 -19.60 21.99
CA LEU A 264 2.26 -20.85 22.78
C LEU A 264 2.88 -22.09 22.04
N ASN A 265 4.00 -21.84 21.37
CA ASN A 265 4.76 -22.88 20.67
C ASN A 265 6.22 -22.56 20.79
N ASN A 266 6.51 -21.26 20.78
CA ASN A 266 7.86 -20.74 20.59
C ASN A 266 8.16 -19.56 21.54
N PRO A 267 7.59 -19.55 22.78
CA PRO A 267 7.44 -18.30 23.55
C PRO A 267 8.71 -17.46 23.55
N ASN A 268 8.58 -16.13 23.45
CA ASN A 268 9.76 -15.26 23.28
C ASN A 268 9.59 -13.84 23.85
N PRO A 269 9.16 -13.71 25.14
CA PRO A 269 8.79 -12.45 25.86
C PRO A 269 9.43 -11.12 25.37
N GLU A 270 10.43 -11.24 24.49
CA GLU A 270 11.00 -10.12 23.75
C GLU A 270 10.01 -9.49 22.72
N LEU A 271 8.99 -10.26 22.31
CA LEU A 271 7.92 -9.74 21.44
C LEU A 271 6.52 -9.84 22.09
N ASP A 272 6.32 -10.80 22.99
CA ASP A 272 5.06 -10.91 23.75
C ASP A 272 4.75 -9.59 24.50
N SER A 273 5.74 -9.11 25.28
CA SER A 273 5.69 -7.86 26.01
C SER A 273 5.60 -6.63 25.06
N LYS A 274 6.20 -6.76 23.87
CA LYS A 274 5.93 -5.81 22.79
C LYS A 274 4.44 -5.84 22.47
N VAL A 275 3.92 -7.02 22.12
CA VAL A 275 2.52 -7.23 21.69
C VAL A 275 1.45 -6.78 22.70
N ASN A 276 1.45 -7.36 23.91
CA ASN A 276 0.47 -7.00 24.94
C ASN A 276 0.25 -5.49 25.10
N ASN A 277 1.17 -4.69 24.55
CA ASN A 277 1.02 -3.23 24.41
C ASN A 277 0.65 -2.76 22.97
N ILE A 278 1.47 -3.07 21.96
CA ILE A 278 1.15 -2.73 20.54
C ILE A 278 -0.33 -3.01 20.24
N GLU A 279 -0.88 -4.05 20.92
CA GLU A 279 -2.31 -4.33 21.01
C GLU A 279 -3.15 -3.26 21.76
N ASN A 280 -2.65 -2.78 22.89
CA ASN A 280 -3.36 -1.76 23.71
C ASN A 280 -3.18 -0.35 23.14
N ALA A 281 -2.20 -0.24 22.24
CA ALA A 281 -2.05 0.97 21.44
C ALA A 281 -3.33 1.23 20.61
N LEU A 282 -3.78 0.17 19.92
CA LEU A 282 -5.02 0.13 19.15
C LEU A 282 -6.22 0.23 20.11
N LYS A 283 -6.12 -0.42 21.27
CA LYS A 283 -7.21 -0.36 22.24
C LYS A 283 -7.29 1.01 22.98
N LEU A 284 -6.33 1.92 22.72
CA LEU A 284 -6.35 3.23 23.38
C LEU A 284 -7.58 4.06 23.05
N THR A 285 -7.84 4.24 21.76
CA THR A 285 -8.95 5.05 21.23
C THR A 285 -9.61 4.14 20.22
N PRO A 286 -10.73 3.50 20.60
CA PRO A 286 -11.22 2.54 19.61
C PRO A 286 -12.02 3.28 18.55
N ILE A 287 -12.40 2.59 17.47
CA ILE A 287 -13.00 3.25 16.31
C ILE A 287 -14.30 4.03 16.67
N PRO A 288 -14.29 5.33 16.44
CA PRO A 288 -15.36 6.24 16.83
C PRO A 288 -16.68 6.16 16.01
N SER A 289 -16.70 5.35 14.95
CA SER A 289 -17.89 5.09 14.13
C SER A 289 -17.67 3.98 13.14
N ASN A 290 -18.79 3.38 12.72
CA ASN A 290 -18.74 2.35 11.66
C ASN A 290 -17.87 2.76 10.44
N LEU A 291 -16.74 2.11 10.27
CA LEU A 291 -15.83 2.62 9.28
C LEU A 291 -15.43 1.58 8.26
N ILE A 292 -15.58 1.89 6.97
CA ILE A 292 -15.12 0.94 5.97
C ILE A 292 -13.64 1.14 5.71
N VAL A 293 -12.91 0.03 5.61
CA VAL A 293 -11.48 0.13 5.23
C VAL A 293 -11.09 -0.89 4.20
N TYR A 294 -9.95 -0.68 3.56
CA TYR A 294 -9.64 -1.53 2.43
C TYR A 294 -8.32 -2.17 2.67
N ARG A 295 -8.26 -3.51 2.57
CA ARG A 295 -6.99 -4.25 2.61
C ARG A 295 -6.64 -4.94 1.32
N ARG A 296 -5.43 -4.76 0.87
CA ARG A 296 -5.15 -5.42 -0.39
C ARG A 296 -4.44 -6.67 0.04
N SER A 297 -4.94 -7.81 -0.33
CA SER A 297 -4.26 -8.92 0.33
C SER A 297 -3.55 -9.92 -0.63
N GLY A 298 -2.55 -10.64 -0.14
CA GLY A 298 -1.82 -11.55 -1.07
C GLY A 298 -2.25 -12.98 -0.96
N PRO A 299 -1.80 -13.85 -1.87
CA PRO A 299 -2.26 -15.26 -1.93
C PRO A 299 -2.16 -16.07 -0.62
N GLN A 300 -1.07 -15.95 0.15
CA GLN A 300 -1.01 -16.65 1.44
C GLN A 300 -2.33 -16.49 2.20
N GLU A 301 -2.70 -15.26 2.56
CA GLU A 301 -3.89 -15.07 3.40
C GLU A 301 -5.09 -15.92 2.93
N PHE A 302 -5.03 -16.49 1.76
CA PHE A 302 -6.13 -17.31 1.30
C PHE A 302 -5.74 -18.72 0.81
N GLY A 303 -4.65 -19.19 1.45
CA GLY A 303 -4.06 -20.49 1.28
C GLY A 303 -3.64 -20.74 -0.15
N LEU A 304 -2.99 -19.74 -0.75
CA LEU A 304 -2.34 -19.97 -2.04
C LEU A 304 -0.99 -19.28 -2.15
N THR A 305 -0.32 -19.52 -3.29
CA THR A 305 0.92 -18.87 -3.65
C THR A 305 0.73 -18.00 -4.88
N LEU A 306 1.74 -17.16 -5.18
CA LEU A 306 1.74 -16.35 -6.39
C LEU A 306 1.53 -17.17 -7.65
N THR A 307 1.92 -18.42 -7.54
CA THR A 307 2.11 -19.25 -8.69
C THR A 307 0.98 -20.29 -8.79
N SER A 308 0.25 -20.51 -7.70
CA SER A 308 -0.93 -21.41 -7.73
C SER A 308 -1.83 -21.15 -8.94
N PRO A 309 -2.31 -22.23 -9.61
CA PRO A 309 -3.19 -22.04 -10.79
C PRO A 309 -4.61 -21.59 -10.40
N GLU A 310 -4.93 -21.77 -9.13
CA GLU A 310 -6.26 -21.45 -8.67
C GLU A 310 -6.33 -19.99 -8.26
N TYR A 311 -5.26 -19.27 -8.55
CA TYR A 311 -5.14 -17.85 -8.28
C TYR A 311 -5.39 -17.05 -9.55
N ASP A 312 -5.24 -17.67 -10.73
CA ASP A 312 -5.68 -17.08 -12.03
C ASP A 312 -7.23 -16.82 -12.17
N PHE A 313 -7.69 -15.69 -11.67
CA PHE A 313 -9.08 -15.41 -11.77
C PHE A 313 -9.51 -14.98 -13.17
N ASN A 314 -8.60 -14.91 -14.11
CA ASN A 314 -9.10 -14.73 -15.47
C ASN A 314 -9.92 -15.94 -15.95
N LYS A 315 -9.97 -16.99 -15.10
CA LYS A 315 -10.77 -18.18 -15.35
C LYS A 315 -11.77 -18.30 -14.22
N ILE A 316 -13.06 -18.35 -14.62
CA ILE A 316 -14.18 -18.25 -13.68
C ILE A 316 -14.24 -19.48 -12.77
N GLU A 317 -13.93 -20.68 -13.27
CA GLU A 317 -13.89 -21.86 -12.33
C GLU A 317 -13.15 -21.53 -11.03
N ASN A 318 -12.01 -20.86 -11.14
CA ASN A 318 -11.23 -20.42 -9.99
C ASN A 318 -11.95 -19.44 -9.10
N ILE A 319 -12.74 -18.58 -9.73
CA ILE A 319 -13.61 -17.69 -8.92
C ILE A 319 -14.64 -18.57 -8.20
N ASP A 320 -15.43 -19.27 -8.99
CA ASP A 320 -16.43 -20.15 -8.44
C ASP A 320 -15.78 -21.00 -7.35
N ALA A 321 -14.59 -21.53 -7.62
CA ALA A 321 -13.90 -22.29 -6.60
C ALA A 321 -13.59 -21.41 -5.41
N PHE A 322 -13.13 -20.17 -5.68
CA PHE A 322 -12.73 -19.31 -4.57
C PHE A 322 -13.96 -19.08 -3.71
N LYS A 323 -15.09 -18.81 -4.37
CA LYS A 323 -16.33 -18.49 -3.63
C LYS A 323 -16.76 -19.63 -2.76
N GLU A 324 -16.76 -20.87 -3.29
CA GLU A 324 -17.23 -22.03 -2.48
C GLU A 324 -16.41 -22.06 -1.25
N LYS A 325 -15.11 -21.91 -1.43
CA LYS A 325 -14.23 -22.05 -0.34
C LYS A 325 -14.44 -20.95 0.68
N TRP A 326 -14.69 -19.72 0.22
CA TRP A 326 -14.71 -18.56 1.18
C TRP A 326 -15.97 -17.81 1.46
N GLU A 327 -16.91 -17.81 0.53
CA GLU A 327 -18.10 -17.03 0.70
C GLU A 327 -18.91 -17.65 1.84
N GLY A 328 -19.23 -16.83 2.84
CA GLY A 328 -20.12 -17.28 3.91
C GLY A 328 -19.34 -17.51 5.16
N LYS A 329 -18.09 -17.88 4.92
CA LYS A 329 -17.19 -18.35 5.92
C LYS A 329 -16.61 -17.19 6.66
N VAL A 330 -16.05 -17.46 7.84
CA VAL A 330 -15.40 -16.45 8.65
C VAL A 330 -13.93 -16.86 8.87
N ILE A 331 -12.99 -16.00 8.42
CA ILE A 331 -11.53 -16.22 8.56
C ILE A 331 -10.94 -15.38 9.69
N THR A 332 -9.97 -15.98 10.38
CA THR A 332 -9.24 -15.37 11.51
C THR A 332 -7.78 -15.01 11.13
N TYR A 333 -7.33 -13.85 11.61
CA TYR A 333 -6.03 -13.31 11.28
C TYR A 333 -5.11 -13.34 12.52
N PRO A 334 -4.05 -14.17 12.45
CA PRO A 334 -3.19 -14.04 13.62
C PRO A 334 -2.49 -12.68 13.66
N ASN A 335 -2.11 -12.12 12.50
CA ASN A 335 -1.39 -10.80 12.41
C ASN A 335 -2.20 -9.54 12.73
N PHE A 336 -1.54 -8.53 13.29
CA PHE A 336 -2.04 -7.14 13.19
C PHE A 336 -2.37 -6.85 11.76
N ILE A 337 -3.48 -6.21 11.55
CA ILE A 337 -3.99 -6.34 10.23
C ILE A 337 -4.13 -4.95 9.68
N SER A 338 -3.53 -4.78 8.50
CA SER A 338 -2.98 -3.50 8.11
C SER A 338 -3.77 -2.93 6.98
N THR A 339 -4.70 -2.04 7.25
CA THR A 339 -5.58 -1.62 6.17
C THR A 339 -5.46 -0.13 5.85
N SER A 340 -5.95 0.26 4.70
CA SER A 340 -6.03 1.63 4.38
C SER A 340 -7.47 2.22 4.32
N ILE A 341 -7.66 3.52 4.62
CA ILE A 341 -9.00 4.15 4.58
C ILE A 341 -9.37 4.42 3.13
N GLY A 342 -8.49 4.20 2.18
CA GLY A 342 -8.89 4.43 0.81
C GLY A 342 -8.62 3.28 -0.15
N SER A 343 -9.62 3.01 -0.97
CA SER A 343 -9.60 1.93 -1.93
C SER A 343 -8.55 1.97 -3.07
N VAL A 344 -7.91 3.14 -3.29
CA VAL A 344 -6.89 3.25 -4.38
C VAL A 344 -5.74 2.24 -4.34
N ASN A 345 -5.33 1.80 -5.51
CA ASN A 345 -4.17 0.97 -5.60
C ASN A 345 -2.86 1.70 -5.21
N MET A 346 -1.75 0.99 -5.13
CA MET A 346 -0.50 1.65 -4.87
C MET A 346 0.71 0.80 -5.06
N SER A 347 1.88 1.43 -5.15
CA SER A 347 3.06 0.69 -5.49
C SER A 347 3.34 -0.43 -4.51
N ALA A 348 3.23 -0.19 -3.23
CA ALA A 348 3.52 -1.29 -2.29
C ALA A 348 2.79 -2.61 -2.60
N PHE A 349 1.54 -2.55 -3.11
CA PHE A 349 0.80 -3.74 -3.49
C PHE A 349 0.08 -3.68 -4.84
N ALA A 350 0.64 -2.88 -5.76
CA ALA A 350 0.18 -2.74 -7.14
C ALA A 350 -0.39 -4.03 -7.72
N LYS A 351 0.20 -5.17 -7.42
CA LYS A 351 -0.14 -6.40 -8.16
C LYS A 351 -1.01 -7.40 -7.41
N ARG A 352 -1.27 -7.16 -6.12
CA ARG A 352 -2.18 -8.02 -5.35
C ARG A 352 -3.59 -8.02 -5.88
N LYS A 353 -4.20 -9.19 -5.77
CA LYS A 353 -5.40 -9.57 -6.48
C LYS A 353 -6.65 -9.72 -5.56
N ILE A 354 -6.46 -9.78 -4.25
CA ILE A 354 -7.59 -9.90 -3.33
C ILE A 354 -7.80 -8.61 -2.56
N ILE A 355 -8.86 -7.88 -2.87
CA ILE A 355 -9.18 -6.71 -2.04
C ILE A 355 -10.11 -7.17 -0.96
N LEU A 356 -9.82 -6.81 0.27
CA LEU A 356 -10.66 -7.09 1.42
C LEU A 356 -11.32 -5.81 1.88
N ARG A 357 -12.64 -5.71 1.69
CA ARG A 357 -13.34 -4.44 2.04
C ARG A 357 -14.03 -4.65 3.35
N ILE A 358 -13.54 -3.96 4.37
CA ILE A 358 -13.92 -4.35 5.71
C ILE A 358 -14.76 -3.29 6.33
N ASN A 359 -15.97 -3.69 6.71
CA ASN A 359 -16.75 -2.87 7.66
C ASN A 359 -16.36 -3.12 9.07
N ILE A 360 -16.06 -2.06 9.80
CA ILE A 360 -15.62 -2.15 11.16
C ILE A 360 -16.75 -1.48 11.92
N PRO A 361 -17.30 -2.18 12.93
CA PRO A 361 -18.32 -1.66 13.81
C PRO A 361 -17.73 -0.51 14.58
N LYS A 362 -18.56 0.44 15.02
CA LYS A 362 -18.10 1.49 15.92
C LYS A 362 -17.57 0.79 17.17
N ASP A 363 -16.62 1.42 17.85
CA ASP A 363 -16.04 0.93 19.14
C ASP A 363 -15.05 -0.25 19.09
N SER A 364 -14.58 -0.60 17.91
CA SER A 364 -13.62 -1.70 17.85
C SER A 364 -12.11 -1.30 17.93
N PRO A 365 -11.29 -2.20 18.42
CA PRO A 365 -9.84 -2.14 18.42
C PRO A 365 -9.15 -1.73 17.09
N GLY A 366 -8.78 -0.43 17.02
CA GLY A 366 -7.87 0.07 16.00
C GLY A 366 -7.44 1.53 16.09
N ALA A 367 -6.75 2.00 15.06
CA ALA A 367 -6.21 3.34 15.07
C ALA A 367 -5.73 3.79 13.72
N TYR A 368 -5.87 5.10 13.48
CA TYR A 368 -5.33 5.70 12.29
C TYR A 368 -3.86 5.95 12.52
N LEU A 369 -3.05 4.99 12.13
CA LEU A 369 -1.63 5.04 12.30
C LEU A 369 -1.02 6.20 11.57
N SER A 370 -1.52 6.46 10.35
CA SER A 370 -1.13 7.62 9.53
C SER A 370 -1.36 9.02 10.16
N ALA A 371 -1.71 9.07 11.45
CA ALA A 371 -1.81 10.37 12.21
C ALA A 371 -0.50 10.89 12.88
N ILE A 372 0.46 10.01 13.11
CA ILE A 372 1.83 10.46 13.31
C ILE A 372 2.32 11.25 12.04
N PRO A 373 3.13 12.29 12.24
CA PRO A 373 3.85 12.83 11.07
C PRO A 373 5.09 11.99 10.75
N GLY A 374 5.75 12.32 9.63
CA GLY A 374 7.03 11.69 9.24
C GLY A 374 6.77 10.34 8.60
N TYR A 375 6.48 9.34 9.45
CA TYR A 375 5.72 8.09 9.11
C TYR A 375 4.66 8.31 8.00
N ALA A 376 4.07 9.51 8.01
CA ALA A 376 2.87 9.91 7.25
C ALA A 376 2.97 9.76 5.73
N GLY A 377 1.85 9.30 5.16
CA GLY A 377 1.64 9.24 3.70
C GLY A 377 1.11 7.98 3.03
N GLU A 378 0.22 7.22 3.69
CA GLU A 378 -0.49 6.06 3.05
C GLU A 378 -1.84 5.69 3.70
N TYR A 379 -2.24 6.48 4.69
CA TYR A 379 -3.62 6.47 5.18
C TYR A 379 -3.98 5.14 5.78
N GLU A 380 -3.17 4.73 6.74
CA GLU A 380 -3.22 3.41 7.26
C GLU A 380 -4.05 3.35 8.53
N VAL A 381 -4.83 2.27 8.61
CA VAL A 381 -5.58 1.93 9.80
C VAL A 381 -5.15 0.58 10.28
N LEU A 382 -4.73 0.47 11.53
CA LEU A 382 -4.31 -0.83 11.97
C LEU A 382 -5.36 -1.55 12.80
N LEU A 383 -5.56 -2.83 12.48
CA LEU A 383 -6.56 -3.62 13.16
C LEU A 383 -5.94 -4.66 14.03
N ASN A 384 -6.51 -4.82 15.20
CA ASN A 384 -5.93 -5.71 16.17
C ASN A 384 -5.86 -7.19 15.82
N HIS A 385 -4.65 -7.74 15.98
CA HIS A 385 -4.35 -9.18 15.77
C HIS A 385 -5.37 -10.14 16.48
N GLY A 386 -5.49 -11.36 15.94
CA GLY A 386 -6.57 -12.29 16.34
C GLY A 386 -7.97 -11.80 15.95
N SER A 387 -8.01 -10.91 14.96
CA SER A 387 -9.29 -10.47 14.45
C SER A 387 -9.87 -11.49 13.48
N LYS A 388 -11.20 -11.57 13.51
CA LYS A 388 -11.96 -12.48 12.68
C LYS A 388 -12.85 -11.64 11.82
N PHE A 389 -12.99 -12.05 10.57
CA PHE A 389 -13.70 -11.27 9.55
C PHE A 389 -14.65 -12.18 8.86
N LYS A 390 -15.88 -11.71 8.62
CA LYS A 390 -16.92 -12.54 7.98
C LYS A 390 -16.99 -12.23 6.49
N ILE A 391 -16.68 -13.17 5.63
CA ILE A 391 -16.74 -12.82 4.22
C ILE A 391 -18.12 -13.03 3.64
N ASN A 392 -18.96 -12.01 3.65
CA ASN A 392 -20.33 -12.09 3.14
C ASN A 392 -20.46 -12.26 1.63
N LYS A 393 -19.47 -11.79 0.87
CA LYS A 393 -19.62 -11.64 -0.63
C LYS A 393 -18.32 -11.45 -1.43
N VAL A 394 -18.29 -12.08 -2.61
CA VAL A 394 -17.15 -12.03 -3.47
C VAL A 394 -17.53 -11.46 -4.80
N ASP A 395 -16.88 -10.36 -5.14
CA ASP A 395 -17.10 -9.71 -6.41
C ASP A 395 -15.82 -9.70 -7.14
N SER A 396 -15.95 -9.35 -8.43
CA SER A 396 -14.80 -9.29 -9.26
C SER A 396 -14.84 -8.20 -10.33
N TYR A 397 -13.68 -7.64 -10.67
CA TYR A 397 -13.61 -6.64 -11.74
C TYR A 397 -12.32 -6.79 -12.52
N LYS A 398 -12.30 -6.44 -13.81
CA LYS A 398 -11.04 -6.41 -14.59
C LYS A 398 -10.21 -5.17 -14.28
N ASP A 399 -8.96 -5.38 -13.91
CA ASP A 399 -7.99 -4.27 -13.72
C ASP A 399 -6.89 -4.37 -14.73
N GLY A 400 -7.04 -3.70 -15.86
CA GLY A 400 -6.15 -3.99 -17.00
C GLY A 400 -6.56 -5.30 -17.62
N THR A 401 -5.71 -6.32 -17.55
CA THR A 401 -6.02 -7.64 -18.15
C THR A 401 -6.16 -8.65 -17.04
N VAL A 402 -5.84 -8.20 -15.82
CA VAL A 402 -5.77 -9.02 -14.66
C VAL A 402 -7.10 -8.89 -13.90
N THR A 403 -7.73 -10.01 -13.54
CA THR A 403 -9.00 -10.00 -12.83
C THR A 403 -8.76 -10.11 -11.36
N LYS A 404 -9.41 -9.23 -10.59
CA LYS A 404 -9.25 -9.25 -9.14
C LYS A 404 -10.58 -9.47 -8.44
N LEU A 405 -10.48 -9.72 -7.12
CA LEU A 405 -11.57 -9.98 -6.21
C LEU A 405 -11.85 -8.85 -5.17
N ILE A 406 -13.14 -8.54 -4.96
CA ILE A 406 -13.46 -7.65 -3.89
C ILE A 406 -14.27 -8.49 -2.93
N LEU A 407 -13.78 -8.61 -1.70
CA LEU A 407 -14.40 -9.39 -0.67
C LEU A 407 -15.12 -8.47 0.29
N ASP A 408 -16.43 -8.63 0.33
CA ASP A 408 -17.18 -7.75 1.19
C ASP A 408 -17.18 -8.42 2.51
N ALA A 409 -16.57 -7.81 3.51
CA ALA A 409 -16.45 -8.45 4.82
C ALA A 409 -16.78 -7.52 5.98
N THR A 410 -17.15 -8.14 7.09
CA THR A 410 -17.44 -7.44 8.31
C THR A 410 -16.45 -7.95 9.33
N LEU A 411 -15.94 -7.07 10.15
CA LEU A 411 -15.10 -7.53 11.24
C LEU A 411 -16.16 -7.91 12.25
N ILE A 412 -16.11 -9.13 12.75
CA ILE A 412 -17.11 -9.52 13.74
C ILE A 412 -16.85 -8.85 15.10
N ASN A 413 -15.59 -8.82 15.54
CA ASN A 413 -15.31 -8.48 16.95
C ASN A 413 -15.36 -6.98 17.36
N THR B 5 39.18 21.19 14.07
CA THR B 5 39.87 21.06 12.73
C THR B 5 38.96 20.72 11.47
N THR B 6 38.95 19.46 11.03
CA THR B 6 38.37 19.04 9.74
C THR B 6 37.15 18.11 9.89
N ALA B 7 36.08 18.37 9.13
CA ALA B 7 34.79 17.67 9.36
C ALA B 7 34.73 16.22 8.91
N LEU B 8 33.63 15.58 9.26
CA LEU B 8 33.51 14.14 9.15
C LEU B 8 32.21 13.76 8.47
N VAL B 9 32.30 12.72 7.67
CA VAL B 9 31.14 12.22 6.92
C VAL B 9 31.05 10.75 7.13
N CYS B 10 29.94 10.38 7.71
CA CYS B 10 29.78 9.02 7.99
C CYS B 10 28.41 8.67 7.44
N ASP B 11 28.40 7.79 6.45
CA ASP B 11 27.12 7.41 5.81
C ASP B 11 26.74 6.06 6.28
N ASN B 12 25.64 6.00 7.02
CA ASN B 12 25.17 4.72 7.60
C ASN B 12 24.11 3.89 6.82
N GLY B 13 24.57 2.90 6.05
CA GLY B 13 23.66 2.00 5.33
C GLY B 13 23.29 0.72 6.07
N SER B 14 22.36 -0.07 5.53
CA SER B 14 22.01 -1.34 6.20
C SER B 14 22.99 -2.48 5.94
N GLY B 15 23.92 -2.30 5.05
CA GLY B 15 24.86 -3.37 4.85
C GLY B 15 26.23 -2.82 5.14
N LEU B 16 26.59 -1.75 4.45
CA LEU B 16 27.89 -1.10 4.54
C LEU B 16 27.81 0.21 5.27
N VAL B 17 28.97 0.60 5.78
CA VAL B 17 29.13 1.87 6.41
C VAL B 17 30.14 2.57 5.59
N LYS B 18 29.90 3.84 5.31
CA LYS B 18 30.80 4.59 4.44
C LYS B 18 31.17 5.80 5.22
N ALA B 19 32.45 5.99 5.35
CA ALA B 19 32.96 6.81 6.39
C ALA B 19 34.24 7.43 5.94
N GLY B 20 34.38 8.71 6.24
CA GLY B 20 35.65 9.39 5.93
C GLY B 20 35.73 10.84 6.35
N PHE B 21 36.59 11.60 5.69
CA PHE B 21 36.76 13.02 6.06
C PHE B 21 36.21 13.94 5.00
N ALA B 22 35.63 15.03 5.45
CA ALA B 22 34.98 15.94 4.58
C ALA B 22 36.04 16.42 3.67
N GLY B 23 35.63 16.78 2.44
CA GLY B 23 36.55 17.24 1.42
C GLY B 23 37.32 16.19 0.66
N ASP B 24 37.36 14.94 1.10
CA ASP B 24 38.05 13.93 0.27
C ASP B 24 37.08 13.54 -0.79
N ASP B 25 37.56 12.88 -1.83
CA ASP B 25 36.58 12.45 -2.81
C ASP B 25 36.13 10.98 -2.78
N ALA B 26 36.43 10.25 -1.71
CA ALA B 26 35.96 8.87 -1.57
C ALA B 26 36.15 8.54 -0.13
N PRO B 27 35.26 7.71 0.39
CA PRO B 27 35.36 7.30 1.78
C PRO B 27 36.61 6.42 2.05
N ARG B 28 37.36 6.71 3.12
CA ARG B 28 38.55 5.93 3.47
C ARG B 28 38.16 4.63 4.11
N ALA B 29 37.03 4.67 4.77
CA ALA B 29 36.58 3.58 5.59
C ALA B 29 35.25 3.09 5.09
N VAL B 30 35.25 1.84 4.64
CA VAL B 30 34.10 1.19 4.05
C VAL B 30 34.15 -0.26 4.52
N PHE B 31 33.15 -0.57 5.34
CA PHE B 31 33.15 -1.79 6.15
C PHE B 31 31.72 -2.16 6.56
N PRO B 32 31.49 -3.46 6.85
CA PRO B 32 30.14 -3.97 7.09
C PRO B 32 29.53 -3.51 8.39
N SER B 33 28.26 -3.14 8.35
CA SER B 33 27.45 -2.65 9.47
C SER B 33 26.87 -3.76 10.40
N ILE B 34 27.77 -4.58 10.93
CA ILE B 34 27.45 -5.69 11.83
C ILE B 34 28.23 -5.72 13.10
N VAL B 35 27.47 -6.04 14.13
CA VAL B 35 27.89 -6.16 15.50
C VAL B 35 27.69 -7.63 15.92
N GLY B 36 28.75 -8.16 16.56
CA GLY B 36 28.80 -9.53 17.12
C GLY B 36 29.05 -9.69 18.63
N ARG B 37 28.06 -10.29 19.30
CA ARG B 37 28.11 -10.75 20.70
C ARG B 37 28.23 -12.28 20.65
N PRO B 38 28.54 -12.97 21.80
CA PRO B 38 28.49 -14.44 21.84
C PRO B 38 27.25 -14.93 22.62
N ARG B 39 27.19 -16.24 22.89
CA ARG B 39 26.11 -16.85 23.73
C ARG B 39 26.17 -16.33 25.16
N LYS B 50 35.07 -9.19 26.67
CA LYS B 50 34.83 -10.45 26.02
C LYS B 50 33.59 -10.40 25.12
N ASP B 51 32.74 -9.38 25.35
CA ASP B 51 31.31 -9.45 24.98
C ASP B 51 30.79 -8.61 23.76
N SER B 52 31.70 -7.99 22.98
CA SER B 52 31.30 -7.07 21.88
C SER B 52 32.29 -7.00 20.68
N TYR B 53 31.83 -7.26 19.45
CA TYR B 53 32.70 -7.16 18.22
C TYR B 53 32.08 -6.42 16.99
N VAL B 54 32.85 -5.59 16.29
CA VAL B 54 32.33 -4.82 15.13
C VAL B 54 33.14 -4.94 13.86
N GLY B 55 32.47 -4.76 12.74
CA GLY B 55 33.15 -4.60 11.48
C GLY B 55 33.64 -5.89 10.90
N ASP B 56 34.90 -5.94 10.48
CA ASP B 56 35.42 -7.16 9.92
C ASP B 56 35.77 -8.14 11.00
N GLU B 57 36.53 -7.68 11.98
CA GLU B 57 36.90 -8.51 13.10
C GLU B 57 35.62 -8.86 13.89
N ALA B 58 34.52 -9.04 13.15
CA ALA B 58 33.29 -9.66 13.67
C ALA B 58 32.73 -10.68 12.66
N GLN B 59 33.29 -10.66 11.45
CA GLN B 59 33.06 -11.69 10.43
C GLN B 59 34.09 -12.79 10.70
N SER B 60 35.35 -12.37 10.71
CA SER B 60 36.47 -13.12 11.25
C SER B 60 35.97 -14.15 12.28
N LYS B 61 35.33 -13.71 13.34
CA LYS B 61 34.72 -14.23 14.54
C LYS B 61 33.46 -15.02 14.38
N ARG B 62 32.54 -14.58 13.53
CA ARG B 62 31.27 -15.27 13.22
C ARG B 62 31.04 -16.49 14.12
N GLY B 63 31.87 -17.53 14.32
CA GLY B 63 31.73 -18.74 15.15
C GLY B 63 31.41 -18.50 16.62
N ILE B 64 32.34 -17.88 17.35
CA ILE B 64 32.14 -17.59 18.78
C ILE B 64 30.89 -16.70 19.05
N LEU B 65 30.42 -16.02 18.00
CA LEU B 65 29.39 -14.98 18.14
C LEU B 65 28.19 -15.00 17.17
N THR B 66 27.10 -14.34 17.56
CA THR B 66 25.94 -14.18 16.66
C THR B 66 25.76 -12.77 16.00
N LEU B 67 25.79 -12.75 14.65
CA LEU B 67 25.74 -11.49 13.85
C LEU B 67 24.39 -10.77 13.91
N LYS B 68 24.38 -9.50 14.33
CA LYS B 68 23.18 -8.66 14.15
C LYS B 68 23.47 -7.43 13.25
N TYR B 69 22.47 -7.04 12.47
CA TYR B 69 22.56 -5.86 11.62
C TYR B 69 21.74 -4.83 12.31
N PRO B 70 22.40 -3.88 12.95
CA PRO B 70 21.81 -2.80 13.69
C PRO B 70 20.85 -1.97 12.85
N ILE B 71 21.15 -1.81 11.56
CA ILE B 71 20.25 -1.08 10.65
C ILE B 71 19.52 -2.03 9.76
N GLU B 72 18.19 -1.90 9.82
CA GLU B 72 17.29 -2.74 9.03
C GLU B 72 16.53 -1.88 8.07
N HIS B 73 16.67 -2.17 6.79
CA HIS B 73 15.94 -1.45 5.74
C HIS B 73 16.20 0.03 5.86
N GLY B 74 17.43 0.34 6.26
CA GLY B 74 17.85 1.71 6.37
C GLY B 74 17.31 2.50 7.55
N ILE B 75 16.37 1.96 8.33
CA ILE B 75 16.08 2.52 9.66
C ILE B 75 16.88 1.86 10.83
N ILE B 76 17.35 2.66 11.79
CA ILE B 76 18.12 2.16 12.95
C ILE B 76 17.24 1.39 13.93
N THR B 77 17.54 0.12 14.16
CA THR B 77 16.56 -0.68 14.92
C THR B 77 17.05 -1.12 16.30
N ASN B 78 18.34 -1.06 16.54
CA ASN B 78 18.86 -1.30 17.86
C ASN B 78 19.95 -0.31 18.17
N TRP B 79 19.58 0.70 18.94
CA TRP B 79 20.52 1.71 19.27
C TRP B 79 21.83 1.21 19.94
N ASP B 80 21.72 0.23 20.83
CA ASP B 80 22.91 -0.27 21.51
C ASP B 80 23.97 -0.74 20.51
N ASP B 81 23.56 -1.38 19.42
CA ASP B 81 24.56 -1.83 18.43
C ASP B 81 25.11 -0.71 17.53
N MET B 82 24.24 0.21 17.14
CA MET B 82 24.65 1.42 16.41
C MET B 82 25.85 2.11 17.06
N GLU B 83 25.63 2.53 18.29
CA GLU B 83 26.66 2.83 19.29
C GLU B 83 27.95 2.08 19.00
N LYS B 84 27.93 0.78 19.15
CA LYS B 84 29.17 0.06 18.95
C LYS B 84 29.67 0.47 17.61
N ILE B 85 28.76 0.46 16.62
CA ILE B 85 29.08 0.77 15.23
C ILE B 85 29.80 2.14 15.14
N TRP B 86 29.11 3.17 15.61
CA TRP B 86 29.62 4.48 15.59
C TRP B 86 30.90 4.57 16.35
N HIS B 87 30.96 3.88 17.48
CA HIS B 87 32.17 3.84 18.27
C HIS B 87 33.32 3.27 17.42
N HIS B 88 33.29 1.99 17.09
CA HIS B 88 34.32 1.40 16.22
C HIS B 88 34.79 2.39 15.14
N THR B 89 33.85 3.20 14.65
CA THR B 89 34.01 4.01 13.42
C THR B 89 35.03 5.11 13.64
N PHE B 90 34.79 5.84 14.70
CA PHE B 90 35.64 6.87 15.15
C PHE B 90 37.05 6.38 15.48
N TYR B 91 37.14 5.40 16.38
CA TYR B 91 38.41 4.96 16.93
C TYR B 91 39.07 3.82 16.19
N ASN B 92 38.37 2.74 15.90
CA ASN B 92 39.04 1.62 15.22
C ASN B 92 39.20 1.87 13.72
N GLU B 93 38.29 2.64 13.14
CA GLU B 93 38.33 2.85 11.68
C GLU B 93 39.01 4.16 11.21
N LEU B 94 38.42 5.29 11.56
CA LEU B 94 38.90 6.58 11.10
C LEU B 94 40.12 7.00 11.90
N ARG B 95 40.06 6.62 13.18
CA ARG B 95 41.17 6.71 14.15
C ARG B 95 41.34 8.09 14.70
N VAL B 96 40.26 8.84 14.80
CA VAL B 96 40.25 10.19 15.35
C VAL B 96 39.43 10.23 16.63
N ALA B 97 39.11 11.43 17.13
CA ALA B 97 38.33 11.52 18.35
C ALA B 97 37.12 12.42 18.30
N PRO B 98 35.97 11.80 18.47
CA PRO B 98 34.65 12.44 18.42
C PRO B 98 34.66 13.92 18.79
N GLU B 99 35.62 14.32 19.63
CA GLU B 99 35.67 15.68 20.24
C GLU B 99 36.37 16.74 19.38
N GLU B 100 37.32 16.31 18.53
CA GLU B 100 38.12 17.20 17.70
C GLU B 100 37.60 17.57 16.27
N HIS B 101 36.40 17.11 15.91
CA HIS B 101 35.93 17.08 14.51
C HIS B 101 34.44 17.22 14.48
N PRO B 102 33.93 18.07 13.64
CA PRO B 102 32.47 18.01 13.53
C PRO B 102 32.05 16.87 12.64
N THR B 103 30.76 16.55 12.65
CA THR B 103 30.33 15.25 12.09
C THR B 103 29.03 15.28 11.31
N LEU B 104 29.11 14.93 10.04
CA LEU B 104 27.90 14.90 9.24
C LEU B 104 27.42 13.47 9.17
N LEU B 105 26.13 13.28 9.38
CA LEU B 105 25.55 11.95 9.30
C LEU B 105 24.38 11.89 8.32
N THR B 106 24.21 10.74 7.68
CA THR B 106 23.11 10.57 6.73
C THR B 106 22.07 9.72 7.32
N GLU B 107 20.95 9.62 6.63
CA GLU B 107 19.76 9.00 7.17
C GLU B 107 18.81 8.76 6.03
N ALA B 108 18.04 7.72 6.17
CA ALA B 108 17.10 7.35 5.17
C ALA B 108 15.92 8.33 5.20
N PRO B 109 15.23 8.47 4.06
CA PRO B 109 14.00 9.21 3.97
C PRO B 109 12.99 8.62 4.88
N LEU B 110 12.12 9.46 5.44
CA LEU B 110 11.03 9.01 6.30
C LEU B 110 11.68 8.30 7.45
N ASN B 111 12.58 9.04 8.09
CA ASN B 111 13.18 8.61 9.30
C ASN B 111 12.33 9.28 10.35
N PRO B 112 11.85 8.50 11.33
CA PRO B 112 10.85 9.06 12.23
C PRO B 112 11.50 10.07 13.16
N LYS B 113 10.70 10.99 13.71
CA LYS B 113 11.25 12.08 14.49
C LYS B 113 12.10 11.64 15.65
N ALA B 114 11.75 10.51 16.25
CA ALA B 114 12.50 10.02 17.42
C ALA B 114 13.92 9.54 17.09
N ASN B 115 14.08 8.83 16.00
CA ASN B 115 15.44 8.38 15.62
C ASN B 115 16.37 9.58 15.40
N ARG B 116 15.88 10.55 14.65
CA ARG B 116 16.63 11.73 14.36
C ARG B 116 17.05 12.30 15.69
N GLU B 117 16.06 12.53 16.55
CA GLU B 117 16.31 12.96 17.94
C GLU B 117 17.32 12.14 18.71
N LYS B 118 17.17 10.82 18.69
CA LYS B 118 18.12 9.98 19.40
C LYS B 118 19.48 10.00 18.82
N MET B 119 19.61 10.42 17.57
CA MET B 119 20.92 10.42 16.89
C MET B 119 21.78 11.55 17.44
N THR B 120 21.11 12.67 17.61
CA THR B 120 21.63 13.79 18.32
C THR B 120 22.27 13.43 19.71
N GLN B 121 21.45 13.19 20.74
CA GLN B 121 21.99 12.89 22.10
C GLN B 121 23.22 12.05 21.95
N ILE B 122 23.01 10.85 21.47
CA ILE B 122 24.10 9.90 21.38
C ILE B 122 25.35 10.53 20.80
N MET B 123 25.16 11.40 19.81
CA MET B 123 26.29 11.94 19.12
C MET B 123 26.95 12.95 20.06
N PHE B 124 26.11 13.79 20.67
CA PHE B 124 26.58 14.80 21.64
C PHE B 124 26.91 14.21 23.00
N GLU B 125 25.83 13.94 23.78
CA GLU B 125 25.91 13.25 25.08
C GLU B 125 26.39 11.82 25.02
N THR B 126 27.49 11.50 24.32
CA THR B 126 28.13 10.17 24.50
C THR B 126 29.45 10.22 23.83
N PHE B 127 29.44 10.75 22.62
CA PHE B 127 30.65 10.81 21.82
C PHE B 127 31.25 12.19 21.93
N ASN B 128 30.39 13.18 22.16
CA ASN B 128 30.81 14.48 22.65
C ASN B 128 31.58 15.21 21.53
N VAL B 129 30.80 15.61 20.55
CA VAL B 129 31.31 16.13 19.30
C VAL B 129 30.94 17.61 19.27
N PRO B 130 31.87 18.46 18.86
CA PRO B 130 31.54 19.85 18.92
C PRO B 130 30.28 20.21 18.11
N ALA B 131 30.10 19.55 16.96
CA ALA B 131 28.98 19.89 16.08
C ALA B 131 28.50 18.65 15.36
N MET B 132 27.28 18.70 14.85
CA MET B 132 26.90 17.68 13.94
C MET B 132 25.83 18.18 13.00
N TYR B 133 25.53 17.38 11.95
CA TYR B 133 24.43 17.63 11.05
C TYR B 133 23.83 16.30 10.58
N VAL B 134 22.55 16.30 10.13
CA VAL B 134 21.95 15.10 9.54
C VAL B 134 21.25 15.34 8.19
N ALA B 135 21.65 14.67 7.10
CA ALA B 135 21.10 15.03 5.77
C ALA B 135 20.37 13.85 5.23
N ILE B 136 19.29 14.03 4.48
CA ILE B 136 18.66 12.82 3.98
C ILE B 136 19.59 12.25 2.93
N GLN B 137 19.63 10.92 2.80
CA GLN B 137 20.57 10.26 1.91
C GLN B 137 20.41 10.64 0.45
N ALA B 138 19.17 10.56 -0.03
CA ALA B 138 18.95 10.72 -1.45
C ALA B 138 19.31 12.15 -1.86
N VAL B 139 19.07 13.11 -0.97
CA VAL B 139 19.34 14.48 -1.23
C VAL B 139 20.84 14.70 -1.52
N LEU B 140 21.69 14.13 -0.65
CA LEU B 140 23.13 14.34 -0.77
C LEU B 140 23.56 13.77 -2.10
N SER B 141 22.92 12.67 -2.43
CA SER B 141 23.24 11.92 -3.61
C SER B 141 22.87 12.67 -4.84
N LEU B 142 21.82 13.50 -4.77
CA LEU B 142 21.37 14.31 -5.84
C LEU B 142 22.32 15.47 -5.91
N TYR B 143 22.85 15.86 -4.78
CA TYR B 143 23.65 17.08 -4.70
C TYR B 143 24.96 16.79 -5.34
N ALA B 144 25.51 15.59 -5.14
CA ALA B 144 26.82 15.28 -5.66
C ALA B 144 26.82 15.33 -7.16
N SER B 145 25.66 15.60 -7.74
CA SER B 145 25.61 15.49 -9.17
C SER B 145 25.14 16.82 -9.61
N GLY B 146 25.38 17.80 -8.77
CA GLY B 146 25.15 19.20 -9.08
C GLY B 146 23.68 19.61 -9.09
N ARG B 147 22.78 18.76 -8.69
CA ARG B 147 21.39 19.20 -8.77
C ARG B 147 20.73 19.41 -7.47
N THR B 148 19.66 20.14 -7.53
CA THR B 148 18.91 20.33 -6.31
C THR B 148 17.41 20.06 -6.45
N THR B 149 16.96 19.76 -7.67
CA THR B 149 15.61 19.32 -7.99
C THR B 149 15.81 18.09 -8.81
N GLY B 150 14.96 17.07 -8.62
CA GLY B 150 14.98 15.75 -9.37
C GLY B 150 14.53 14.52 -8.57
N ILE B 151 14.63 13.32 -9.13
CA ILE B 151 14.11 12.13 -8.44
C ILE B 151 15.20 11.12 -8.28
N VAL B 152 15.37 10.66 -7.07
CA VAL B 152 16.44 9.74 -6.88
C VAL B 152 15.90 8.35 -6.69
N LEU B 153 16.35 7.41 -7.54
CA LEU B 153 16.24 6.01 -7.21
C LEU B 153 17.48 5.63 -6.41
N ASP B 154 17.31 5.50 -5.09
CA ASP B 154 18.40 5.10 -4.23
C ASP B 154 18.19 3.67 -3.80
N SER B 155 19.08 2.76 -4.21
CA SER B 155 18.90 1.35 -3.89
C SER B 155 20.15 0.65 -3.28
N GLY B 156 20.02 0.23 -2.05
CA GLY B 156 21.19 -0.11 -1.28
C GLY B 156 21.24 -1.59 -1.05
N ASP B 157 21.40 -2.00 0.23
CA ASP B 157 21.58 -3.43 0.55
C ASP B 157 20.37 -3.98 1.18
N GLY B 158 19.55 -3.13 1.79
CA GLY B 158 18.34 -3.60 2.40
C GLY B 158 17.06 -2.91 2.04
N VAL B 159 17.09 -1.97 1.10
CA VAL B 159 15.91 -1.13 0.80
C VAL B 159 16.12 -0.21 -0.40
N THR B 160 15.07 0.00 -1.18
CA THR B 160 15.19 1.00 -2.19
C THR B 160 14.09 2.09 -2.14
N HIS B 161 14.45 3.30 -2.56
CA HIS B 161 13.53 4.42 -2.43
C HIS B 161 13.49 5.25 -3.68
N ASN B 162 12.30 5.73 -3.99
CA ASN B 162 12.15 6.67 -5.03
C ASN B 162 11.96 7.92 -4.22
N VAL B 163 12.85 8.86 -4.41
CA VAL B 163 12.83 10.01 -3.56
C VAL B 163 12.83 11.22 -4.44
N PRO B 164 11.64 11.75 -4.69
CA PRO B 164 11.40 13.01 -5.43
C PRO B 164 11.78 14.24 -4.57
N ILE B 165 12.56 15.13 -5.15
CA ILE B 165 13.09 16.23 -4.42
C ILE B 165 12.96 17.40 -5.31
N TYR B 166 12.53 18.49 -4.69
CA TYR B 166 12.47 19.78 -5.36
C TYR B 166 13.16 20.83 -4.48
N GLU B 167 14.01 21.65 -5.08
CA GLU B 167 14.78 22.68 -4.33
C GLU B 167 15.36 22.25 -2.97
N GLY B 168 15.96 21.08 -2.88
CA GLY B 168 16.69 20.73 -1.67
C GLY B 168 15.83 20.00 -0.68
N TYR B 169 14.52 20.13 -0.83
CA TYR B 169 13.61 19.46 0.08
C TYR B 169 13.07 18.20 -0.59
N ALA B 170 13.25 17.11 0.12
CA ALA B 170 12.55 15.88 -0.16
C ALA B 170 11.08 16.16 -0.02
N LEU B 171 10.24 15.38 -0.73
CA LEU B 171 8.77 15.57 -0.73
C LEU B 171 8.04 14.35 -0.13
N PRO B 172 7.84 14.33 1.21
CA PRO B 172 7.43 13.04 1.84
C PRO B 172 6.16 12.42 1.27
N HIS B 173 5.13 13.18 1.00
CA HIS B 173 3.89 12.53 0.54
C HIS B 173 4.22 11.64 -0.64
N ALA B 174 5.22 11.94 -1.46
CA ALA B 174 5.41 11.20 -2.73
C ALA B 174 6.59 10.22 -2.73
N ILE B 175 7.26 10.13 -1.58
CA ILE B 175 8.37 9.24 -1.44
C ILE B 175 7.82 7.85 -1.59
N MET B 176 8.50 7.02 -2.37
CA MET B 176 8.05 5.66 -2.55
C MET B 176 9.07 4.71 -1.99
N ARG B 177 8.64 3.78 -1.16
CA ARG B 177 9.56 2.86 -0.49
C ARG B 177 9.35 1.36 -0.87
N LEU B 178 10.41 0.57 -0.90
CA LEU B 178 10.29 -0.79 -1.46
C LEU B 178 11.30 -1.66 -0.74
N ASP B 179 10.81 -2.72 -0.09
CA ASP B 179 11.66 -3.58 0.73
C ASP B 179 12.19 -4.71 -0.13
N LEU B 180 13.30 -4.43 -0.83
CA LEU B 180 13.84 -5.31 -1.83
C LEU B 180 15.06 -4.65 -2.36
N ALA B 181 16.21 -5.25 -2.13
CA ALA B 181 17.48 -4.65 -2.49
C ALA B 181 18.47 -5.74 -2.88
N GLY B 182 19.76 -5.43 -2.80
CA GLY B 182 20.83 -6.32 -3.22
C GLY B 182 20.88 -7.54 -2.35
N ARG B 183 20.49 -7.39 -1.09
CA ARG B 183 20.49 -8.50 -0.17
C ARG B 183 19.56 -9.51 -0.75
N ASP B 184 18.32 -9.10 -0.98
CA ASP B 184 17.37 -9.99 -1.61
C ASP B 184 17.74 -10.50 -2.97
N LEU B 185 18.37 -9.66 -3.76
CA LEU B 185 18.86 -10.02 -5.05
C LEU B 185 20.02 -11.03 -4.94
N THR B 186 20.81 -10.98 -3.88
CA THR B 186 21.73 -12.08 -3.67
C THR B 186 20.99 -13.40 -3.33
N ASP B 187 20.00 -13.37 -2.45
CA ASP B 187 19.31 -14.61 -2.04
C ASP B 187 18.72 -15.31 -3.22
N TYR B 188 18.22 -14.52 -4.15
CA TYR B 188 17.56 -15.09 -5.25
C TYR B 188 18.61 -15.65 -6.18
N LEU B 189 19.80 -15.05 -6.17
CA LEU B 189 20.83 -15.54 -7.03
C LEU B 189 21.26 -16.87 -6.49
N MET B 190 21.31 -16.97 -5.18
CA MET B 190 21.62 -18.19 -4.49
C MET B 190 20.54 -19.24 -4.84
N LYS B 191 19.27 -18.84 -4.77
CA LYS B 191 18.17 -19.73 -5.07
C LYS B 191 18.30 -20.33 -6.47
N ILE B 192 18.24 -19.53 -7.55
CA ILE B 192 18.27 -20.07 -8.92
C ILE B 192 19.62 -20.63 -9.43
N LEU B 193 20.69 -20.31 -8.73
CA LEU B 193 21.95 -20.93 -9.06
C LEU B 193 21.84 -22.35 -8.59
N THR B 194 21.37 -22.52 -7.36
CA THR B 194 21.13 -23.82 -6.83
C THR B 194 20.24 -24.62 -7.77
N GLU B 195 19.13 -24.03 -8.21
CA GLU B 195 18.28 -24.68 -9.19
C GLU B 195 19.05 -24.79 -10.51
N ARG B 196 20.08 -25.61 -10.55
CA ARG B 196 20.98 -25.55 -11.68
C ARG B 196 22.09 -26.57 -11.60
N GLY B 197 22.35 -27.09 -10.41
CA GLY B 197 23.49 -27.96 -10.20
C GLY B 197 24.22 -27.57 -8.94
N TYR B 198 24.81 -26.38 -8.94
CA TYR B 198 25.60 -25.86 -7.79
C TYR B 198 24.79 -25.83 -6.47
N SER B 199 25.46 -25.65 -5.32
CA SER B 199 24.78 -25.57 -4.02
C SER B 199 25.42 -24.50 -3.19
N PHE B 200 24.60 -23.59 -2.66
CA PHE B 200 25.12 -22.50 -1.83
C PHE B 200 24.36 -22.47 -0.52
N VAL B 201 25.09 -22.53 0.59
CA VAL B 201 24.46 -22.89 1.87
C VAL B 201 24.93 -22.06 3.08
N THR B 202 26.25 -21.97 3.29
CA THR B 202 26.83 -21.24 4.42
C THR B 202 26.37 -19.73 4.47
N THR B 203 26.68 -19.00 5.57
CA THR B 203 26.70 -17.52 5.49
C THR B 203 28.02 -16.99 4.90
N ALA B 204 29.07 -17.83 4.85
CA ALA B 204 30.34 -17.45 4.21
C ALA B 204 30.48 -17.96 2.78
N GLU B 205 29.42 -18.55 2.23
CA GLU B 205 29.37 -19.03 0.81
C GLU B 205 28.54 -18.10 -0.06
N ARG B 206 27.53 -17.54 0.59
CA ARG B 206 26.83 -16.37 0.12
C ARG B 206 27.76 -15.25 -0.37
N GLU B 207 28.81 -14.92 0.37
CA GLU B 207 29.68 -13.79 0.03
C GLU B 207 30.31 -14.07 -1.31
N ILE B 208 30.34 -15.34 -1.65
CA ILE B 208 30.75 -15.73 -2.96
C ILE B 208 29.71 -15.38 -4.02
N VAL B 209 28.47 -15.80 -3.85
CA VAL B 209 27.51 -15.39 -4.85
C VAL B 209 27.38 -13.86 -4.95
N ARG B 210 27.18 -13.21 -3.80
CA ARG B 210 27.29 -11.78 -3.75
C ARG B 210 28.41 -11.31 -4.68
N ASP B 211 29.54 -11.98 -4.70
CA ASP B 211 30.58 -11.50 -5.59
C ASP B 211 30.24 -11.68 -7.04
N ILE B 212 29.65 -12.84 -7.39
CA ILE B 212 29.27 -13.15 -8.79
C ILE B 212 28.34 -12.07 -9.29
N LYS B 213 27.38 -11.74 -8.42
CA LYS B 213 26.32 -10.82 -8.70
C LYS B 213 26.98 -9.54 -9.08
N GLU B 214 27.90 -9.08 -8.26
CA GLU B 214 28.59 -7.84 -8.55
C GLU B 214 29.48 -7.94 -9.77
N LYS B 215 30.03 -9.11 -10.06
CA LYS B 215 30.91 -9.20 -11.20
C LYS B 215 30.13 -9.44 -12.49
N LEU B 216 29.10 -10.29 -12.42
CA LEU B 216 28.53 -10.91 -13.65
C LEU B 216 27.10 -10.58 -14.06
N CYS B 217 26.25 -10.25 -13.10
CA CYS B 217 24.89 -9.88 -13.49
C CYS B 217 24.85 -8.58 -14.28
N TYR B 218 23.68 -8.30 -14.84
CA TYR B 218 23.48 -7.15 -15.73
C TYR B 218 21.98 -7.13 -16.08
N VAL B 219 21.41 -5.96 -16.36
CA VAL B 219 20.00 -5.86 -16.58
C VAL B 219 19.86 -5.98 -18.05
N ALA B 220 18.87 -6.73 -18.54
CA ALA B 220 18.62 -6.88 -20.00
C ALA B 220 17.78 -5.78 -20.62
N LEU B 221 18.24 -5.18 -21.72
CA LEU B 221 17.47 -4.11 -22.36
C LEU B 221 16.03 -4.51 -22.68
N ASP B 222 15.79 -5.80 -22.84
CA ASP B 222 14.51 -6.32 -23.23
C ASP B 222 14.63 -7.79 -22.84
N PHE B 223 13.99 -8.12 -21.72
CA PHE B 223 14.14 -9.40 -21.05
C PHE B 223 13.77 -10.66 -21.84
N GLU B 224 12.85 -10.57 -22.80
CA GLU B 224 12.40 -11.76 -23.46
C GLU B 224 13.44 -12.19 -24.45
N ASN B 225 13.87 -11.25 -25.30
CA ASN B 225 14.91 -11.49 -26.31
C ASN B 225 16.15 -11.99 -25.63
N GLU B 226 16.35 -11.62 -24.36
CA GLU B 226 17.46 -12.16 -23.62
C GLU B 226 17.27 -13.61 -23.31
N MET B 227 16.05 -13.93 -22.88
CA MET B 227 15.70 -15.29 -22.55
C MET B 227 15.92 -16.22 -23.73
N ALA B 228 15.48 -15.77 -24.92
CA ALA B 228 15.40 -16.63 -26.11
C ALA B 228 16.79 -16.83 -26.70
N THR B 229 17.58 -15.74 -26.74
CA THR B 229 19.03 -15.74 -27.05
C THR B 229 19.81 -16.63 -26.10
N ALA B 230 19.28 -16.81 -24.89
CA ALA B 230 19.97 -17.59 -23.90
C ALA B 230 19.67 -19.03 -24.15
N ALA B 231 18.42 -19.29 -24.56
CA ALA B 231 17.88 -20.66 -24.65
C ALA B 231 18.31 -21.36 -25.94
N SER B 232 18.90 -20.60 -26.85
CA SER B 232 19.11 -21.02 -28.23
C SER B 232 20.46 -20.51 -28.66
N SER B 233 21.47 -20.78 -27.82
CA SER B 233 22.88 -20.46 -28.10
C SER B 233 23.68 -20.26 -26.80
N SER B 234 25.00 -20.17 -26.96
CA SER B 234 25.91 -20.25 -25.82
C SER B 234 26.60 -18.92 -25.47
N SER B 235 26.57 -17.96 -26.40
CA SER B 235 27.23 -16.66 -26.25
C SER B 235 27.07 -15.88 -24.91
N LEU B 236 25.96 -16.06 -24.20
CA LEU B 236 25.73 -15.25 -23.01
C LEU B 236 26.39 -15.75 -21.74
N GLU B 237 27.12 -16.86 -21.84
CA GLU B 237 27.54 -17.65 -20.64
C GLU B 237 28.92 -17.25 -20.11
N LYS B 238 28.94 -16.64 -18.93
CA LYS B 238 30.18 -16.24 -18.36
C LYS B 238 30.66 -17.35 -17.43
N SER B 239 31.97 -17.42 -17.24
CA SER B 239 32.63 -18.34 -16.33
C SER B 239 33.02 -17.60 -15.05
N TYR B 240 32.89 -18.23 -13.91
CA TYR B 240 33.42 -17.64 -12.66
C TYR B 240 34.42 -18.64 -12.07
N GLU B 241 35.38 -18.13 -11.33
CA GLU B 241 36.44 -18.94 -10.78
C GLU B 241 36.42 -18.90 -9.25
N LEU B 242 35.84 -19.96 -8.67
CA LEU B 242 35.71 -20.18 -7.19
C LEU B 242 37.03 -19.92 -6.44
N PRO B 243 37.00 -19.68 -5.10
CA PRO B 243 38.24 -19.29 -4.41
C PRO B 243 39.43 -20.20 -4.78
N ASP B 244 39.23 -21.52 -4.57
CA ASP B 244 40.22 -22.53 -4.94
C ASP B 244 39.68 -23.36 -6.11
N GLY B 245 40.51 -23.54 -7.13
CA GLY B 245 40.25 -24.48 -8.24
C GLY B 245 39.01 -24.50 -9.16
N GLN B 246 37.86 -24.94 -8.60
CA GLN B 246 36.66 -25.31 -9.40
C GLN B 246 36.04 -24.11 -10.15
N VAL B 247 35.29 -24.35 -11.20
CA VAL B 247 34.62 -23.22 -11.89
C VAL B 247 33.12 -23.42 -12.02
N ILE B 248 32.37 -22.38 -11.72
CA ILE B 248 30.96 -22.43 -12.01
C ILE B 248 30.66 -21.69 -13.31
N THR B 249 29.58 -22.07 -13.96
CA THR B 249 29.15 -21.37 -15.16
C THR B 249 27.72 -20.83 -14.99
N ILE B 250 27.48 -19.63 -15.49
CA ILE B 250 26.20 -18.98 -15.26
C ILE B 250 25.63 -18.42 -16.57
N GLY B 251 24.31 -18.53 -16.73
CA GLY B 251 23.69 -18.24 -18.01
C GLY B 251 22.64 -17.16 -17.95
N ASN B 252 21.37 -17.55 -18.02
CA ASN B 252 20.33 -16.55 -18.01
C ASN B 252 20.13 -16.03 -16.59
N GLU B 253 20.83 -16.68 -15.64
CA GLU B 253 20.80 -16.22 -14.25
C GLU B 253 21.48 -14.86 -14.25
N ARG B 254 22.40 -14.71 -15.18
CA ARG B 254 23.19 -13.52 -15.23
C ARG B 254 22.28 -12.27 -15.21
N PHE B 255 21.07 -12.40 -15.73
CA PHE B 255 20.20 -11.27 -15.80
C PHE B 255 18.79 -11.53 -15.19
N ARG B 256 18.46 -12.79 -14.98
CA ARG B 256 17.23 -13.10 -14.32
C ARG B 256 17.27 -12.48 -12.93
N CYS B 257 18.47 -12.26 -12.42
CA CYS B 257 18.61 -11.83 -11.07
C CYS B 257 18.21 -10.35 -10.84
N PRO B 258 18.92 -9.41 -11.51
CA PRO B 258 18.57 -7.99 -11.42
C PRO B 258 17.22 -7.71 -12.05
N GLU B 259 16.74 -8.62 -12.88
CA GLU B 259 15.41 -8.42 -13.46
C GLU B 259 14.42 -8.25 -12.30
N THR B 260 14.71 -8.88 -11.15
CA THR B 260 13.73 -8.91 -10.08
C THR B 260 13.21 -7.51 -9.85
N LEU B 261 14.16 -6.58 -9.77
CA LEU B 261 13.93 -5.15 -9.68
C LEU B 261 12.77 -4.62 -10.51
N PHE B 262 12.69 -5.04 -11.76
CA PHE B 262 11.54 -4.72 -12.60
C PHE B 262 10.36 -5.65 -12.41
N GLN B 263 10.57 -6.84 -11.86
CA GLN B 263 9.48 -7.76 -11.71
C GLN B 263 9.67 -8.50 -10.43
N PRO B 264 9.27 -7.88 -9.34
CA PRO B 264 9.42 -8.43 -8.02
C PRO B 264 8.72 -9.76 -7.88
N SER B 265 7.91 -10.14 -8.85
CA SER B 265 7.15 -11.36 -8.67
C SER B 265 8.10 -12.56 -8.66
N PHE B 266 9.16 -12.43 -9.45
CA PHE B 266 10.29 -13.32 -9.42
C PHE B 266 10.59 -13.84 -8.04
N ILE B 267 10.28 -13.05 -7.04
CA ILE B 267 10.72 -13.33 -5.70
C ILE B 267 9.54 -13.46 -4.79
N GLY B 268 8.38 -13.66 -5.39
CA GLY B 268 7.15 -13.77 -4.67
C GLY B 268 6.53 -12.48 -4.16
N MET B 269 7.04 -11.31 -4.59
CA MET B 269 6.47 -10.05 -4.18
C MET B 269 5.51 -9.51 -5.24
N GLU B 270 4.45 -8.89 -4.76
CA GLU B 270 3.45 -8.41 -5.62
C GLU B 270 3.47 -6.88 -5.67
N SER B 271 4.62 -6.30 -5.39
CA SER B 271 4.65 -4.86 -5.38
C SER B 271 4.99 -4.47 -6.80
N ALA B 272 4.86 -3.18 -7.14
CA ALA B 272 5.37 -2.68 -8.42
C ALA B 272 6.90 -2.72 -8.48
N GLY B 273 7.44 -2.69 -9.68
CA GLY B 273 8.87 -2.69 -9.83
C GLY B 273 9.42 -1.30 -9.95
N ILE B 274 10.75 -1.25 -9.99
CA ILE B 274 11.55 -0.06 -10.07
C ILE B 274 11.05 1.05 -11.06
N HIS B 275 10.58 0.66 -12.27
CA HIS B 275 10.14 1.65 -13.26
C HIS B 275 8.78 2.20 -12.90
N GLU B 276 7.91 1.32 -12.41
CA GLU B 276 6.58 1.70 -12.03
C GLU B 276 6.54 2.55 -10.78
N THR B 277 7.35 2.24 -9.80
CA THR B 277 7.29 3.09 -8.59
C THR B 277 7.91 4.51 -8.88
N THR B 278 8.86 4.59 -9.80
CA THR B 278 9.31 5.88 -10.28
C THR B 278 8.18 6.73 -10.93
N TYR B 279 7.52 6.20 -11.95
CA TYR B 279 6.36 6.90 -12.46
C TYR B 279 5.34 7.22 -11.34
N ASN B 280 5.03 6.23 -10.51
CA ASN B 280 4.17 6.45 -9.33
C ASN B 280 4.66 7.55 -8.47
N SER B 281 5.91 7.56 -8.09
CA SER B 281 6.35 8.66 -7.28
C SER B 281 6.25 9.99 -8.05
N ILE B 282 6.67 10.03 -9.31
CA ILE B 282 6.57 11.27 -10.02
C ILE B 282 5.14 11.80 -10.04
N MET B 283 4.18 10.90 -10.13
CA MET B 283 2.82 11.30 -10.31
C MET B 283 2.16 11.78 -9.04
N LYS B 284 2.77 11.59 -7.88
CA LYS B 284 2.12 12.09 -6.66
C LYS B 284 2.59 13.51 -6.43
N CYS B 285 3.34 14.02 -7.39
CA CYS B 285 3.94 15.32 -7.30
C CYS B 285 3.16 16.31 -8.10
N ASP B 286 3.14 17.54 -7.59
CA ASP B 286 2.55 18.63 -8.32
C ASP B 286 2.89 18.58 -9.81
N ILE B 287 1.90 18.78 -10.66
CA ILE B 287 2.11 18.53 -12.08
C ILE B 287 3.16 19.45 -12.68
N ASP B 288 3.18 20.69 -12.24
CA ASP B 288 4.19 21.63 -12.67
C ASP B 288 5.56 21.08 -12.52
N ILE B 289 5.87 20.45 -11.41
CA ILE B 289 7.20 19.89 -11.35
C ILE B 289 7.49 18.52 -12.04
N ARG B 290 6.49 17.81 -12.58
CA ARG B 290 6.81 16.49 -13.07
C ARG B 290 7.89 16.55 -14.13
N LYS B 291 7.88 17.64 -14.88
CA LYS B 291 8.76 17.79 -16.07
C LYS B 291 10.17 17.66 -15.62
N ASP B 292 10.46 18.25 -14.48
CA ASP B 292 11.82 18.29 -14.02
C ASP B 292 12.21 17.01 -13.39
N LEU B 293 11.27 16.31 -12.77
CA LEU B 293 11.57 14.99 -12.25
C LEU B 293 12.02 14.04 -13.36
N TYR B 294 11.20 13.90 -14.39
CA TYR B 294 11.56 13.09 -15.52
C TYR B 294 12.94 13.40 -16.07
N ALA B 295 13.34 14.63 -16.07
CA ALA B 295 14.58 14.93 -16.76
C ALA B 295 15.74 14.97 -15.77
N ASN B 296 15.47 14.49 -14.57
CA ASN B 296 16.47 14.51 -13.55
C ASN B 296 16.31 13.32 -12.64
N ASN B 297 16.39 12.18 -13.29
CA ASN B 297 16.29 10.96 -12.61
C ASN B 297 17.68 10.46 -12.26
N VAL B 298 18.07 10.65 -11.00
CA VAL B 298 19.38 10.22 -10.60
C VAL B 298 19.32 8.93 -9.84
N MET B 299 20.22 8.04 -10.24
CA MET B 299 20.31 6.70 -9.70
C MET B 299 21.47 6.61 -8.78
N SER B 300 21.31 5.97 -7.64
CA SER B 300 22.43 5.86 -6.71
C SER B 300 22.30 4.64 -5.82
N GLY B 301 23.41 4.15 -5.26
CA GLY B 301 23.36 2.97 -4.41
C GLY B 301 24.05 1.77 -5.03
N GLY B 302 24.73 0.99 -4.20
CA GLY B 302 25.25 -0.30 -4.66
C GLY B 302 24.41 -0.99 -5.74
N THR B 303 23.12 -1.12 -5.50
CA THR B 303 22.28 -2.00 -6.30
C THR B 303 21.91 -1.36 -7.61
N THR B 304 22.39 -0.15 -7.85
CA THR B 304 22.08 0.46 -9.14
C THR B 304 23.24 0.23 -10.06
N MET B 305 24.20 -0.59 -9.66
CA MET B 305 25.43 -0.64 -10.45
C MET B 305 25.43 -1.65 -11.59
N TYR B 306 24.29 -2.21 -11.94
CA TYR B 306 24.21 -3.20 -12.99
C TYR B 306 24.41 -2.60 -14.37
N PRO B 307 25.37 -3.15 -15.11
CA PRO B 307 25.38 -2.63 -16.48
C PRO B 307 23.99 -2.86 -17.00
N GLY B 308 23.46 -1.88 -17.74
CA GLY B 308 22.20 -2.01 -18.47
C GLY B 308 21.08 -1.30 -17.72
N ILE B 309 21.25 -1.14 -16.42
CA ILE B 309 20.20 -0.56 -15.60
C ILE B 309 19.73 0.81 -16.09
N ALA B 310 20.65 1.71 -16.42
CA ALA B 310 20.23 3.06 -16.90
C ALA B 310 19.39 3.01 -18.16
N ASP B 311 19.72 2.11 -19.07
CA ASP B 311 19.05 2.13 -20.33
C ASP B 311 17.69 1.48 -20.27
N ARG B 312 17.56 0.49 -19.39
CA ARG B 312 16.28 -0.08 -19.19
C ARG B 312 15.37 0.95 -18.50
N MET B 313 15.84 1.65 -17.46
CA MET B 313 14.96 2.60 -16.81
C MET B 313 14.48 3.59 -17.84
N GLN B 314 15.40 4.01 -18.69
CA GLN B 314 15.07 5.00 -19.68
C GLN B 314 14.05 4.47 -20.68
N LYS B 315 14.05 3.17 -20.94
CA LYS B 315 13.05 2.61 -21.81
C LYS B 315 11.78 2.43 -21.04
N GLU B 316 11.81 1.70 -19.92
CA GLU B 316 10.56 1.43 -19.24
C GLU B 316 9.89 2.73 -18.89
N ILE B 317 10.66 3.72 -18.47
CA ILE B 317 10.02 4.98 -18.18
C ILE B 317 9.46 5.63 -19.45
N THR B 318 10.11 5.45 -20.59
CA THR B 318 9.73 6.28 -21.74
C THR B 318 8.32 5.94 -22.11
N ALA B 319 7.99 4.68 -21.78
CA ALA B 319 6.83 3.94 -22.28
C ALA B 319 5.73 4.10 -21.34
N LEU B 320 5.98 4.65 -20.16
CA LEU B 320 4.89 4.98 -19.23
C LEU B 320 4.56 6.46 -19.29
N ALA B 321 5.52 7.30 -19.64
CA ALA B 321 5.25 8.72 -19.57
C ALA B 321 4.66 9.23 -20.88
N PRO B 322 4.03 10.44 -20.86
CA PRO B 322 3.41 11.10 -22.03
C PRO B 322 4.40 11.12 -23.13
N SER B 323 4.00 10.84 -24.37
CA SER B 323 5.02 10.65 -25.43
C SER B 323 5.72 11.96 -25.68
N THR B 324 5.15 13.07 -25.23
CA THR B 324 5.85 14.32 -25.47
C THR B 324 6.94 14.52 -24.46
N MET B 325 7.07 13.63 -23.47
CA MET B 325 7.97 13.91 -22.33
C MET B 325 9.47 13.69 -22.57
N LYS B 326 10.29 14.55 -21.99
CA LYS B 326 11.72 14.41 -22.12
C LYS B 326 12.32 13.65 -20.91
N ILE B 327 12.99 12.54 -21.16
CA ILE B 327 13.37 11.63 -20.12
C ILE B 327 14.86 11.50 -20.02
N LYS B 328 15.37 11.69 -18.80
CA LYS B 328 16.81 11.60 -18.59
C LYS B 328 17.22 10.83 -17.33
N ILE B 329 18.12 9.89 -17.56
CA ILE B 329 18.45 8.87 -16.59
C ILE B 329 19.89 9.03 -16.37
N ILE B 330 20.22 9.54 -15.20
CA ILE B 330 21.59 9.93 -14.89
C ILE B 330 22.13 8.94 -13.91
N ALA B 331 23.30 8.37 -14.21
CA ALA B 331 23.85 7.26 -13.46
C ALA B 331 25.37 7.21 -13.57
N PRO B 332 26.05 8.09 -12.85
CA PRO B 332 27.46 8.22 -12.88
C PRO B 332 28.16 6.95 -12.32
N PRO B 333 29.45 6.73 -12.68
CA PRO B 333 30.22 5.58 -12.16
C PRO B 333 30.57 5.77 -10.69
N GLU B 334 30.75 7.02 -10.29
CA GLU B 334 31.02 7.28 -8.87
C GLU B 334 29.82 6.90 -7.96
N ARG B 335 28.70 6.55 -8.59
CA ARG B 335 27.36 6.30 -8.02
C ARG B 335 27.32 5.54 -6.71
N LYS B 336 27.94 4.37 -6.68
CA LYS B 336 27.90 3.46 -5.51
C LYS B 336 28.11 4.17 -4.16
N TYR B 337 28.92 5.26 -4.18
CA TYR B 337 29.31 5.94 -2.95
C TYR B 337 28.89 7.40 -2.98
N SER B 338 27.87 7.73 -3.77
CA SER B 338 27.54 9.14 -3.98
C SER B 338 26.93 9.86 -2.80
N VAL B 339 26.23 9.12 -1.95
CA VAL B 339 25.57 9.73 -0.80
C VAL B 339 26.67 10.27 0.09
N TRP B 340 27.77 9.54 0.10
CA TRP B 340 28.90 9.95 0.85
C TRP B 340 29.51 11.21 0.27
N ILE B 341 29.70 11.20 -1.04
CA ILE B 341 30.44 12.24 -1.72
C ILE B 341 29.78 13.58 -1.52
N GLY B 342 28.47 13.60 -1.76
CA GLY B 342 27.64 14.79 -1.54
C GLY B 342 27.74 15.21 -0.10
N GLY B 343 28.01 14.24 0.80
CA GLY B 343 28.23 14.51 2.22
C GLY B 343 29.50 15.31 2.35
N SER B 344 30.58 14.79 1.77
CA SER B 344 31.87 15.43 1.83
C SER B 344 31.85 16.81 1.18
N ILE B 345 31.31 16.92 -0.04
CA ILE B 345 31.12 18.25 -0.66
C ILE B 345 30.50 19.22 0.37
N LEU B 346 29.39 18.76 0.98
CA LEU B 346 28.48 19.64 1.70
C LEU B 346 29.18 20.15 2.90
N ALA B 347 30.02 19.28 3.49
CA ALA B 347 30.50 19.47 4.85
C ALA B 347 31.75 20.32 4.80
N SER B 348 32.29 20.41 3.58
CA SER B 348 33.51 21.13 3.32
C SER B 348 33.20 22.51 2.82
N LEU B 349 31.94 22.90 2.71
CA LEU B 349 31.61 24.14 2.03
C LEU B 349 31.68 25.32 2.94
N SER B 350 32.67 26.23 2.74
CA SER B 350 32.66 27.54 3.44
C SER B 350 31.26 27.99 3.96
N THR B 351 30.26 28.19 3.07
CA THR B 351 28.94 28.76 3.52
C THR B 351 28.08 27.86 4.39
N PHE B 352 28.53 26.62 4.54
CA PHE B 352 27.77 25.66 5.27
C PHE B 352 28.18 25.72 6.71
N GLN B 353 29.43 26.07 6.98
CA GLN B 353 29.97 26.12 8.35
C GLN B 353 29.04 26.72 9.45
N GLN B 354 28.24 27.73 9.10
CA GLN B 354 27.32 28.34 10.04
C GLN B 354 26.00 27.61 10.03
N MET B 355 26.08 26.28 9.90
CA MET B 355 24.86 25.45 9.81
C MET B 355 24.86 24.22 10.74
N TRP B 356 26.03 23.71 11.08
CA TRP B 356 26.08 22.71 12.10
C TRP B 356 25.19 23.02 13.28
N ILE B 357 24.93 21.97 14.03
CA ILE B 357 24.44 22.05 15.36
C ILE B 357 25.63 21.74 16.23
N THR B 358 26.03 22.77 16.98
CA THR B 358 27.18 22.77 17.87
C THR B 358 26.74 22.28 19.24
N LYS B 359 27.70 21.78 20.03
CA LYS B 359 27.33 21.28 21.36
C LYS B 359 26.66 22.38 22.16
N GLN B 360 27.25 23.57 22.18
CA GLN B 360 26.56 24.76 22.77
C GLN B 360 25.14 24.93 22.22
N GLU B 361 24.97 24.53 20.97
CA GLU B 361 23.65 24.55 20.36
C GLU B 361 22.75 23.52 21.03
N TYR B 362 23.30 22.34 21.31
CA TYR B 362 22.52 21.25 21.91
C TYR B 362 22.40 21.43 23.41
N ASP B 363 23.54 21.32 24.10
CA ASP B 363 23.67 21.48 25.57
C ASP B 363 22.62 22.44 26.13
N GLU B 364 22.49 23.62 25.52
CA GLU B 364 21.39 24.58 25.77
C GLU B 364 20.01 24.15 25.22
N ALA B 365 19.49 24.75 24.15
CA ALA B 365 18.21 24.27 23.52
C ALA B 365 18.21 22.75 23.24
N GLY B 366 17.04 22.09 23.30
CA GLY B 366 16.94 20.61 23.39
C GLY B 366 17.40 19.64 22.28
N PRO B 367 16.88 18.40 22.25
CA PRO B 367 17.31 17.54 21.13
C PRO B 367 16.40 17.78 19.94
N SER B 368 15.42 18.66 20.14
CA SER B 368 14.35 18.97 19.20
C SER B 368 14.85 19.95 18.15
N ILE B 369 16.09 20.36 18.32
CA ILE B 369 16.71 21.32 17.43
C ILE B 369 16.94 20.72 16.03
N VAL B 370 17.45 19.47 15.99
CA VAL B 370 17.83 18.79 14.73
C VAL B 370 16.84 18.92 13.62
N HIS B 371 15.58 19.14 13.96
CA HIS B 371 14.53 19.35 12.97
C HIS B 371 14.88 20.53 12.08
N ARG B 372 15.78 20.22 11.12
CA ARG B 372 16.34 21.17 10.14
C ARG B 372 15.75 21.01 8.73
N LYS B 373 14.46 21.32 8.59
CA LYS B 373 13.87 21.62 7.28
C LYS B 373 14.33 23.04 6.91
N CYS B 374 15.65 23.13 6.68
CA CYS B 374 16.40 24.33 6.26
C CYS B 374 16.30 25.58 7.14
PA TAD C . 1.47 -8.25 5.70
O1A TAD C . 0.15 -8.73 6.31
O2A TAD C . 2.82 -8.44 6.33
O5B TAD C . 1.61 -9.02 4.29
C5B TAD C . 2.87 -9.61 3.92
C4B TAD C . 2.86 -10.94 3.14
O4B TAD C . 2.56 -12.10 3.96
C3B TAD C . 1.89 -10.97 2.00
O3B TAD C . 2.46 -11.79 0.99
C2B TAD C . 0.70 -11.69 2.60
O2B TAD C . -0.10 -12.33 1.59
C1B TAD C . 1.30 -12.66 3.61
N9A TAD C . 0.39 -12.69 4.77
C8A TAD C . -0.03 -11.59 5.45
N7A TAD C . -0.87 -11.91 6.47
C5A TAD C . -1.01 -13.26 6.44
C6A TAD C . -1.77 -14.29 7.24
N6A TAD C . -2.56 -13.92 8.27
N1A TAD C . -1.62 -15.60 6.90
C2A TAD C . -0.84 -15.96 5.85
N3A TAD C . -0.14 -15.09 5.10
C4A TAD C . -0.17 -13.77 5.33
C3 TAD C . 1.20 -6.45 5.76
PN TAD C . 1.65 -5.88 4.12
O1N TAD C . 0.49 -5.96 3.17
O2N TAD C . 2.91 -6.66 3.75
O5D TAD C . 2.09 -4.34 4.25
C5D TAD C . 3.03 -3.73 3.36
C4D TAD C . 3.26 -2.33 3.85
O4D TAD C . 2.25 -1.50 3.28
C3D TAD C . 3.12 -2.24 5.36
O3D TAD C . 4.08 -1.28 5.84
C2D TAD C . 1.74 -1.68 5.60
O2D TAD C . 1.82 -0.79 6.71
C1D TAD C . 1.36 -0.99 4.29
C2N TAD C . -0.04 -1.27 3.85
N3N TAD C . -0.60 -2.33 3.21
C4N TAD C . -1.93 -2.19 2.97
C5N TAD C . -2.43 -0.98 3.42
S1N TAD C . -1.18 0.02 4.16
C6N TAD C . -2.72 -3.25 2.30
O6N TAD C . -3.83 -3.06 1.85
N6N TAD C . -2.15 -4.45 2.22
CA CA D . 21.98 3.47 2.28
PG ATP E . 20.84 0.57 2.23
O1G ATP E . 20.55 1.24 3.57
O2G ATP E . 19.83 -0.43 1.74
O3G ATP E . 21.28 1.51 1.16
PB ATP E . 23.54 0.28 2.06
O1B ATP E . 24.60 -0.56 2.66
O2B ATP E . 23.63 1.79 2.08
O3B ATP E . 22.15 -0.25 2.62
PA ATP E . 24.75 0.38 -0.43
O1A ATP E . 24.27 1.60 -1.18
O2A ATP E . 25.92 0.48 0.52
O3A ATP E . 23.53 -0.12 0.50
O5' ATP E . 25.04 -0.86 -1.44
C5' ATP E . 25.24 -2.16 -0.90
C4' ATP E . 24.62 -3.18 -1.84
O4' ATP E . 25.09 -2.94 -3.17
C3' ATP E . 25.05 -4.61 -1.50
O3' ATP E . 23.89 -5.41 -1.51
C2' ATP E . 25.98 -4.96 -2.65
O2' ATP E . 26.12 -6.32 -3.03
C1' ATP E . 25.39 -4.19 -3.81
N9 ATP E . 26.41 -4.00 -4.85
C8 ATP E . 27.65 -3.51 -4.70
N7 ATP E . 28.27 -3.50 -5.92
C5 ATP E . 27.41 -3.98 -6.85
C6 ATP E . 27.38 -4.22 -8.30
N6 ATP E . 28.40 -4.00 -9.17
N1 ATP E . 26.23 -4.75 -8.79
C2 ATP E . 25.15 -5.01 -8.04
N3 ATP E . 25.13 -4.81 -6.73
C4 ATP E . 26.19 -4.32 -6.10
S1 LAR F . 24.03 -10.19 2.17
N1 LAR F . 24.90 -8.14 1.14
O1 LAR F . 31.55 -6.90 -0.04
O2 LAR F . 29.77 -5.96 1.09
O3 LAR F . 27.30 -7.57 3.96
O4 LAR F . 27.21 -9.32 2.42
O5 LAR F . 24.21 -9.74 -0.32
C1 LAR F . 31.23 -6.19 0.89
C2 LAR F . 32.34 -5.51 1.66
C3 LAR F . 33.65 -5.91 1.76
C4 LAR F . 34.18 -7.20 1.08
C5 LAR F . 35.03 -8.17 1.93
C6 LAR F . 34.19 -9.27 2.55
C7 LAR F . 33.30 -8.92 3.48
C8 LAR F . 32.40 -9.81 4.21
C9 LAR F . 31.79 -9.31 5.28
C10 LAR F . 30.82 -10.08 6.16
C11 LAR F . 29.36 -9.88 5.74
C12 LAR F . 28.97 -8.40 5.55
C13 LAR F . 28.61 -8.12 4.08
C14 LAR F . 29.63 -7.29 3.27
C15 LAR F . 28.95 -6.40 2.22
C16 LAR F . 27.65 -7.02 1.68
C17 LAR F . 26.86 -7.95 2.65
C18 LAR F . 25.33 -7.90 2.55
C19 LAR F . 24.67 -9.04 3.35
C20 LAR F . 24.40 -9.33 0.81
C21 LAR F . 34.61 -5.03 2.55
C22 LAR F . 30.99 -9.63 7.61
#